data_2AYQ
#
_entry.id   2AYQ
#
_cell.length_a   114.400
_cell.length_b   114.400
_cell.length_c   194.900
_cell.angle_alpha   90.00
_cell.angle_beta   90.00
_cell.angle_gamma   120.00
#
_symmetry.space_group_name_H-M   'P 31 2 1'
#
loop_
_entity.id
_entity.type
_entity.pdbx_description
1 polymer '3-ISOPROPYLMALATE DEHYDROGENASE'
2 water water
#
_entity_poly.entity_id   1
_entity_poly.type   'polypeptide(L)'
_entity_poly.pdbx_seq_one_letter_code
;MKMKLAVLPGDGIGPEVMDAAIRVLKTVLDNDGHEAVFENALIGGAAIDEAGTPLPEETLDICRRSDAILLGAVGGPKWD
HNPASLRPEKGLLGLRKEMGLFANLRPVKAYATLLNASPLKRERVENVDLVIVRELTGGLYFGRPSERRGPGENEVVDTL
AYTREEIERIIEKAFQLAQIRRKKLASVDKANVLESSRMWREIAEETAKKYPDVELSHMLVDSTSMQLIANPGQFDVIVT
ENMFGDILSDEASVITGSLGMLPSASLRSDRFGMYEPVHGSAPDIAGQGKANPLGTVLSAALMLRYSFGLEKEAAAIEKA
VDDVLQDGYCTGDLQVANGKVVSTIELTDRLIEKLNNSAARPRIFQ
;
_entity_poly.pdbx_strand_id   A,B
#
# COMPACT_ATOMS: atom_id res chain seq x y z
N MET A 1 -8.18 18.88 37.91
CA MET A 1 -7.11 19.74 37.32
C MET A 1 -7.74 20.68 36.30
N LYS A 2 -6.98 21.67 35.87
CA LYS A 2 -7.44 22.66 34.90
C LYS A 2 -6.72 22.40 33.57
N MET A 3 -7.39 22.74 32.47
CA MET A 3 -6.82 22.55 31.13
C MET A 3 -7.42 23.56 30.15
N LYS A 4 -6.58 24.43 29.62
CA LYS A 4 -7.01 25.44 28.67
C LYS A 4 -6.97 24.78 27.29
N LEU A 5 -8.06 24.85 26.55
CA LEU A 5 -8.14 24.22 25.24
C LEU A 5 -8.59 25.17 24.15
N ALA A 6 -7.83 25.19 23.06
CA ALA A 6 -8.19 26.01 21.91
C ALA A 6 -9.21 25.17 21.17
N VAL A 7 -10.32 25.77 20.79
CA VAL A 7 -11.37 25.07 20.08
C VAL A 7 -11.53 25.75 18.73
N LEU A 8 -11.08 25.07 17.68
CA LEU A 8 -11.16 25.60 16.33
C LEU A 8 -12.14 24.75 15.53
N PRO A 9 -13.44 25.02 15.67
CA PRO A 9 -14.52 24.31 14.98
C PRO A 9 -14.40 24.27 13.47
N GLY A 10 -13.67 25.23 12.92
CA GLY A 10 -13.51 25.26 11.48
C GLY A 10 -14.81 25.63 10.80
N ASP A 11 -15.06 25.01 9.65
CA ASP A 11 -16.27 25.27 8.87
C ASP A 11 -16.97 23.99 8.41
N GLY A 12 -18.14 24.14 7.78
CA GLY A 12 -18.90 22.99 7.33
C GLY A 12 -19.52 22.30 8.55
N ILE A 13 -19.54 20.98 8.56
CA ILE A 13 -20.10 20.25 9.69
C ILE A 13 -19.17 20.40 10.90
N GLY A 14 -18.03 21.05 10.68
CA GLY A 14 -17.04 21.28 11.72
C GLY A 14 -17.61 21.69 13.05
N PRO A 15 -18.34 22.81 13.10
CA PRO A 15 -18.94 23.30 14.34
C PRO A 15 -20.00 22.37 14.93
N GLU A 16 -20.62 21.55 14.08
CA GLU A 16 -21.66 20.61 14.52
C GLU A 16 -21.06 19.48 15.36
N VAL A 17 -20.03 18.84 14.81
CA VAL A 17 -19.34 17.73 15.46
C VAL A 17 -18.54 18.24 16.66
N MET A 18 -17.96 19.42 16.52
CA MET A 18 -17.16 20.02 17.58
C MET A 18 -17.98 20.22 18.86
N ASP A 19 -19.28 20.46 18.69
CA ASP A 19 -20.18 20.66 19.81
C ASP A 19 -20.20 19.42 20.68
N ALA A 20 -20.53 18.29 20.06
CA ALA A 20 -20.62 17.00 20.72
C ALA A 20 -19.36 16.70 21.54
N ALA A 21 -18.20 16.94 20.94
CA ALA A 21 -16.93 16.70 21.61
C ALA A 21 -16.88 17.52 22.90
N ILE A 22 -17.30 18.77 22.81
CA ILE A 22 -17.29 19.67 23.95
C ILE A 22 -18.24 19.20 25.05
N ARG A 23 -19.46 18.84 24.67
CA ARG A 23 -20.44 18.37 25.63
C ARG A 23 -19.92 17.13 26.37
N VAL A 24 -19.59 16.10 25.61
CA VAL A 24 -19.07 14.85 26.15
C VAL A 24 -17.88 15.15 27.06
N LEU A 25 -16.92 15.90 26.52
CA LEU A 25 -15.73 16.30 27.26
C LEU A 25 -16.07 16.85 28.63
N LYS A 26 -17.06 17.73 28.67
CA LYS A 26 -17.48 18.34 29.93
C LYS A 26 -18.09 17.29 30.84
N THR A 27 -18.93 16.44 30.26
CA THR A 27 -19.60 15.38 31.01
C THR A 27 -18.57 14.51 31.71
N VAL A 28 -17.49 14.20 31.00
CA VAL A 28 -16.43 13.35 31.56
C VAL A 28 -15.58 14.10 32.57
N LEU A 29 -15.09 15.27 32.18
CA LEU A 29 -14.22 16.08 33.04
C LEU A 29 -14.80 16.46 34.39
N ASP A 30 -16.12 16.63 34.44
CA ASP A 30 -16.74 16.99 35.70
C ASP A 30 -16.97 15.78 36.62
N ASN A 31 -16.11 14.77 36.46
CA ASN A 31 -16.19 13.55 37.26
C ASN A 31 -15.32 13.68 38.50
N ASP A 32 -14.16 14.32 38.37
CA ASP A 32 -13.24 14.52 39.48
C ASP A 32 -12.59 15.90 39.43
N GLY A 33 -13.41 16.94 39.60
CA GLY A 33 -12.91 18.30 39.60
C GLY A 33 -11.96 18.68 38.48
N HIS A 34 -12.47 18.80 37.27
CA HIS A 34 -11.63 19.19 36.13
C HIS A 34 -12.17 20.45 35.49
N GLU A 35 -11.40 21.52 35.63
CA GLU A 35 -11.77 22.81 35.06
C GLU A 35 -11.40 22.81 33.58
N ALA A 36 -12.42 22.69 32.73
CA ALA A 36 -12.22 22.70 31.29
C ALA A 36 -12.42 24.11 30.76
N VAL A 37 -11.33 24.77 30.39
CA VAL A 37 -11.41 26.12 29.87
C VAL A 37 -11.33 26.12 28.36
N PHE A 38 -12.46 26.39 27.71
CA PHE A 38 -12.50 26.40 26.26
C PHE A 38 -12.41 27.82 25.73
N GLU A 39 -11.69 27.98 24.63
CA GLU A 39 -11.57 29.28 24.01
C GLU A 39 -11.69 29.04 22.52
N ASN A 40 -12.80 29.51 21.95
CA ASN A 40 -13.07 29.33 20.53
C ASN A 40 -12.21 30.24 19.70
N ALA A 41 -11.97 29.86 18.44
CA ALA A 41 -11.16 30.67 17.54
C ALA A 41 -11.59 30.36 16.11
N LEU A 42 -11.06 31.13 15.16
CA LEU A 42 -11.40 30.94 13.76
C LEU A 42 -10.26 30.35 12.99
N ILE A 43 -10.59 29.64 11.91
CA ILE A 43 -9.61 29.05 11.03
C ILE A 43 -10.28 28.65 9.72
N GLY A 44 -9.49 28.41 8.68
CA GLY A 44 -10.03 28.03 7.40
C GLY A 44 -10.98 29.08 6.84
N GLY A 45 -11.91 28.63 6.01
CA GLY A 45 -12.88 29.53 5.40
C GLY A 45 -13.55 30.54 6.31
N ALA A 46 -13.99 30.11 7.49
CA ALA A 46 -14.64 30.99 8.44
C ALA A 46 -13.76 32.20 8.68
N ALA A 47 -12.51 31.93 9.00
CA ALA A 47 -11.52 32.98 9.26
C ALA A 47 -11.37 33.88 8.05
N ILE A 48 -11.24 33.28 6.87
CA ILE A 48 -11.10 34.02 5.63
C ILE A 48 -12.11 35.14 5.54
N ASP A 49 -13.35 34.85 5.91
CA ASP A 49 -14.40 35.86 5.88
C ASP A 49 -14.13 36.95 6.89
N GLU A 50 -14.27 36.62 8.17
CA GLU A 50 -14.09 37.58 9.25
C GLU A 50 -12.66 37.94 9.65
N ALA A 51 -11.74 37.95 8.69
CA ALA A 51 -10.35 38.30 8.99
C ALA A 51 -9.52 38.43 7.73
N GLY A 52 -10.03 37.91 6.62
CA GLY A 52 -9.29 38.00 5.38
C GLY A 52 -8.23 36.93 5.18
N THR A 53 -7.84 36.23 6.24
CA THR A 53 -6.83 35.17 6.13
C THR A 53 -7.32 33.84 6.68
N PRO A 54 -6.86 32.73 6.06
CA PRO A 54 -7.25 31.40 6.52
C PRO A 54 -6.81 31.18 7.96
N LEU A 55 -5.69 31.77 8.34
CA LEU A 55 -5.18 31.63 9.70
C LEU A 55 -4.88 32.97 10.34
N PRO A 56 -5.82 33.50 11.15
CA PRO A 56 -5.67 34.77 11.83
C PRO A 56 -4.63 34.68 12.93
N GLU A 57 -3.75 35.69 13.01
CA GLU A 57 -2.71 35.72 14.02
C GLU A 57 -3.32 35.55 15.41
N GLU A 58 -4.54 36.05 15.56
CA GLU A 58 -5.26 35.96 16.82
C GLU A 58 -5.38 34.48 17.20
N THR A 59 -5.76 33.66 16.22
CA THR A 59 -5.91 32.22 16.42
C THR A 59 -4.62 31.60 16.93
N LEU A 60 -3.49 32.03 16.35
CA LEU A 60 -2.19 31.51 16.77
C LEU A 60 -1.92 31.80 18.24
N ASP A 61 -2.20 33.02 18.66
CA ASP A 61 -1.98 33.40 20.06
C ASP A 61 -2.86 32.52 20.94
N ILE A 62 -4.11 32.34 20.51
CA ILE A 62 -5.07 31.50 21.24
C ILE A 62 -4.42 30.13 21.44
N CYS A 63 -3.95 29.56 20.33
CA CYS A 63 -3.30 28.27 20.32
C CYS A 63 -2.07 28.22 21.22
N ARG A 64 -1.14 29.16 21.02
CA ARG A 64 0.09 29.21 21.80
C ARG A 64 -0.10 29.22 23.31
N ARG A 65 -1.27 29.65 23.76
CA ARG A 65 -1.57 29.69 25.19
C ARG A 65 -2.51 28.57 25.66
N SER A 66 -2.71 27.57 24.83
CA SER A 66 -3.58 26.44 25.16
C SER A 66 -2.80 25.17 25.45
N ASP A 67 -3.34 24.32 26.32
CA ASP A 67 -2.71 23.06 26.70
C ASP A 67 -2.74 22.06 25.54
N ALA A 68 -3.78 22.16 24.70
CA ALA A 68 -3.96 21.31 23.54
C ALA A 68 -4.99 21.99 22.65
N ILE A 69 -5.01 21.66 21.37
CA ILE A 69 -5.96 22.28 20.47
C ILE A 69 -6.87 21.27 19.78
N LEU A 70 -8.17 21.42 20.00
CA LEU A 70 -9.17 20.56 19.35
C LEU A 70 -9.54 21.26 18.05
N LEU A 71 -9.82 20.49 17.01
CA LEU A 71 -10.16 21.06 15.71
C LEU A 71 -11.27 20.29 15.02
N GLY A 72 -12.08 21.00 14.24
CA GLY A 72 -13.15 20.36 13.48
C GLY A 72 -12.56 20.03 12.13
N ALA A 73 -12.96 20.77 11.10
CA ALA A 73 -12.46 20.55 9.75
C ALA A 73 -12.51 21.84 8.97
N VAL A 74 -11.72 21.92 7.91
CA VAL A 74 -11.68 23.13 7.07
C VAL A 74 -11.94 22.75 5.61
N GLY A 75 -12.45 23.71 4.85
CA GLY A 75 -12.75 23.45 3.44
C GLY A 75 -14.16 23.89 3.08
N GLY A 76 -14.38 24.20 1.80
CA GLY A 76 -15.69 24.62 1.36
C GLY A 76 -15.65 25.05 -0.08
N PRO A 77 -16.78 25.01 -0.81
CA PRO A 77 -16.86 25.40 -2.21
C PRO A 77 -16.54 26.87 -2.41
N LYS A 78 -17.08 27.67 -1.50
CA LYS A 78 -16.91 29.12 -1.50
C LYS A 78 -15.47 29.58 -1.72
N TRP A 79 -14.54 29.06 -0.92
CA TRP A 79 -13.15 29.46 -1.02
C TRP A 79 -12.27 28.66 -1.96
N ASP A 80 -12.77 27.54 -2.47
CA ASP A 80 -11.97 26.70 -3.37
C ASP A 80 -11.61 27.33 -4.71
N HIS A 81 -12.31 28.39 -5.10
CA HIS A 81 -12.02 29.05 -6.36
C HIS A 81 -11.21 30.33 -6.26
N ASN A 82 -10.69 30.61 -5.08
CA ASN A 82 -9.88 31.80 -4.88
C ASN A 82 -8.39 31.38 -4.99
N PRO A 83 -7.44 32.33 -4.81
CA PRO A 83 -6.02 31.94 -4.91
C PRO A 83 -5.55 30.98 -3.83
N ALA A 84 -4.51 30.21 -4.16
CA ALA A 84 -3.93 29.24 -3.25
C ALA A 84 -3.62 29.76 -1.86
N SER A 85 -3.21 31.02 -1.76
CA SER A 85 -2.88 31.64 -0.48
C SER A 85 -4.10 31.95 0.38
N LEU A 86 -5.27 32.04 -0.25
CA LEU A 86 -6.50 32.32 0.47
C LEU A 86 -7.39 31.08 0.56
N ARG A 87 -6.76 29.92 0.41
CA ARG A 87 -7.47 28.64 0.48
C ARG A 87 -7.40 28.20 1.95
N PRO A 88 -8.55 27.78 2.52
CA PRO A 88 -8.74 27.32 3.90
C PRO A 88 -7.74 26.30 4.43
N GLU A 89 -7.29 25.41 3.53
CA GLU A 89 -6.36 24.35 3.88
C GLU A 89 -5.06 24.87 4.47
N LYS A 90 -4.48 25.89 3.84
CA LYS A 90 -3.22 26.46 4.31
C LYS A 90 -3.29 26.92 5.77
N GLY A 91 -4.48 27.25 6.24
CA GLY A 91 -4.62 27.68 7.62
C GLY A 91 -4.24 26.51 8.49
N LEU A 92 -4.75 25.34 8.12
CA LEU A 92 -4.47 24.12 8.85
C LEU A 92 -2.97 23.84 8.76
N LEU A 93 -2.46 23.74 7.54
CA LEU A 93 -1.03 23.47 7.33
C LEU A 93 -0.19 24.41 8.15
N GLY A 94 -0.49 25.69 8.02
CA GLY A 94 0.23 26.72 8.73
C GLY A 94 0.21 26.47 10.22
N LEU A 95 -0.98 26.34 10.80
CA LEU A 95 -1.09 26.12 12.22
C LEU A 95 -0.24 24.95 12.69
N ARG A 96 -0.26 23.88 11.91
CA ARG A 96 0.50 22.68 12.22
C ARG A 96 1.98 22.98 12.20
N LYS A 97 2.38 23.79 11.21
CA LYS A 97 3.77 24.18 11.05
C LYS A 97 4.18 25.09 12.21
N GLU A 98 3.32 26.03 12.55
CA GLU A 98 3.58 26.99 13.62
C GLU A 98 3.74 26.31 14.97
N MET A 99 2.95 25.27 15.20
CA MET A 99 3.01 24.53 16.45
C MET A 99 4.12 23.48 16.47
N GLY A 100 4.72 23.25 15.31
CA GLY A 100 5.80 22.27 15.21
C GLY A 100 5.39 20.85 15.53
N LEU A 101 4.32 20.40 14.89
CA LEU A 101 3.81 19.05 15.09
C LEU A 101 4.42 18.20 13.99
N PHE A 102 5.21 17.20 14.39
CA PHE A 102 5.88 16.36 13.41
C PHE A 102 5.29 14.98 13.26
N ALA A 103 4.76 14.45 14.34
CA ALA A 103 4.20 13.11 14.29
C ALA A 103 2.70 13.12 14.09
N ASN A 104 2.23 12.32 13.13
CA ASN A 104 0.79 12.19 12.88
C ASN A 104 0.37 10.81 13.33
N LEU A 105 -0.33 10.79 14.45
CA LEU A 105 -0.82 9.57 15.08
C LEU A 105 -2.26 9.32 14.63
N ARG A 106 -2.47 8.24 13.89
CA ARG A 106 -3.81 7.89 13.38
C ARG A 106 -4.19 6.44 13.70
N PRO A 107 -4.96 6.24 14.78
CA PRO A 107 -5.43 4.92 15.27
C PRO A 107 -6.56 4.25 14.50
N VAL A 108 -6.47 2.92 14.40
CA VAL A 108 -7.47 2.12 13.72
C VAL A 108 -7.74 0.89 14.58
N LYS A 109 -9.01 0.72 14.96
CA LYS A 109 -9.41 -0.43 15.77
C LYS A 109 -10.75 -0.98 15.30
N ALA A 110 -10.99 -2.26 15.59
CA ALA A 110 -12.21 -2.94 15.20
C ALA A 110 -13.36 -2.66 16.14
N TYR A 111 -14.56 -2.56 15.57
CA TYR A 111 -15.78 -2.31 16.32
C TYR A 111 -16.73 -3.41 15.87
N ALA A 112 -17.02 -4.33 16.78
CA ALA A 112 -17.89 -5.47 16.49
C ALA A 112 -19.08 -5.22 15.57
N THR A 113 -19.81 -4.15 15.86
CA THR A 113 -21.00 -3.80 15.10
C THR A 113 -20.74 -3.46 13.63
N LEU A 114 -19.50 -3.08 13.32
CA LEU A 114 -19.13 -2.73 11.96
C LEU A 114 -18.45 -3.89 11.23
N LEU A 115 -18.20 -4.98 11.96
CA LEU A 115 -17.51 -6.14 11.39
C LEU A 115 -18.13 -6.70 10.10
N ASN A 116 -19.46 -6.66 10.00
CA ASN A 116 -20.13 -7.16 8.79
C ASN A 116 -19.75 -6.33 7.57
N ALA A 117 -19.48 -5.06 7.79
CA ALA A 117 -19.15 -4.12 6.72
C ALA A 117 -17.69 -4.12 6.28
N SER A 118 -16.79 -4.54 7.16
CA SER A 118 -15.37 -4.58 6.82
C SER A 118 -15.08 -5.32 5.52
N PRO A 119 -14.04 -4.89 4.80
CA PRO A 119 -13.70 -5.56 3.54
C PRO A 119 -13.02 -6.90 3.83
N LEU A 120 -12.44 -7.01 5.01
CA LEU A 120 -11.76 -8.24 5.41
C LEU A 120 -12.73 -9.23 6.04
N LYS A 121 -12.44 -10.51 5.90
CA LYS A 121 -13.28 -11.52 6.49
C LYS A 121 -13.19 -11.34 8.01
N ARG A 122 -14.35 -11.36 8.64
CA ARG A 122 -14.49 -11.21 10.10
C ARG A 122 -13.31 -11.68 10.95
N GLU A 123 -12.85 -12.91 10.71
CA GLU A 123 -11.77 -13.50 11.49
C GLU A 123 -10.47 -12.71 11.47
N ARG A 124 -10.23 -12.00 10.37
CA ARG A 124 -9.01 -11.22 10.23
C ARG A 124 -9.07 -9.84 10.85
N VAL A 125 -10.11 -9.10 10.49
CA VAL A 125 -10.32 -7.73 10.95
C VAL A 125 -10.73 -7.63 12.41
N GLU A 126 -11.34 -8.67 12.93
CA GLU A 126 -11.77 -8.69 14.32
C GLU A 126 -10.53 -8.51 15.19
N ASN A 127 -10.69 -7.89 16.35
CA ASN A 127 -9.57 -7.68 17.28
C ASN A 127 -8.48 -6.67 16.87
N VAL A 128 -8.59 -6.09 15.68
CA VAL A 128 -7.61 -5.10 15.23
C VAL A 128 -7.56 -3.93 16.20
N ASP A 129 -6.36 -3.42 16.47
CA ASP A 129 -6.18 -2.28 17.36
C ASP A 129 -4.78 -1.73 17.22
N LEU A 130 -4.52 -1.02 16.14
CA LEU A 130 -3.20 -0.47 15.89
C LEU A 130 -3.22 1.03 15.79
N VAL A 131 -2.03 1.60 15.73
CA VAL A 131 -1.83 3.04 15.60
C VAL A 131 -0.62 3.24 14.69
N ILE A 132 -0.82 4.03 13.66
CA ILE A 132 0.26 4.32 12.73
C ILE A 132 0.79 5.73 13.06
N VAL A 133 2.08 5.81 13.33
CA VAL A 133 2.71 7.07 13.64
C VAL A 133 3.49 7.46 12.38
N ARG A 134 3.12 8.58 11.78
CA ARG A 134 3.78 9.04 10.58
C ARG A 134 4.57 10.33 10.79
N GLU A 135 5.75 10.40 10.16
CA GLU A 135 6.59 11.59 10.25
C GLU A 135 5.99 12.56 9.25
N LEU A 136 5.81 13.82 9.67
CA LEU A 136 5.20 14.85 8.82
C LEU A 136 6.13 15.89 8.20
N THR A 137 7.18 16.24 8.93
CA THR A 137 8.10 17.29 8.51
C THR A 137 9.04 17.11 7.32
N GLY A 138 9.71 15.97 7.23
CA GLY A 138 10.64 15.77 6.13
C GLY A 138 10.25 14.76 5.09
N GLY A 139 11.26 14.17 4.45
CA GLY A 139 10.98 13.17 3.45
C GLY A 139 10.93 13.70 2.04
N LEU A 140 10.38 12.88 1.15
CA LEU A 140 10.26 13.21 -0.26
C LEU A 140 9.25 14.33 -0.52
N TYR A 141 8.44 14.66 0.48
CA TYR A 141 7.43 15.71 0.33
C TYR A 141 8.02 17.11 0.41
N PHE A 142 9.05 17.27 1.23
CA PHE A 142 9.70 18.57 1.40
C PHE A 142 11.19 18.41 1.13
N GLY A 143 11.57 18.28 -0.13
CA GLY A 143 12.97 18.12 -0.43
C GLY A 143 13.31 18.48 -1.86
N ARG A 144 14.25 19.40 -1.99
CA ARG A 144 14.71 19.83 -3.31
C ARG A 144 16.10 19.25 -3.45
N PRO A 145 16.63 19.20 -4.69
CA PRO A 145 16.01 19.64 -5.93
C PRO A 145 14.77 18.85 -6.29
N SER A 146 13.83 19.52 -6.94
CA SER A 146 12.60 18.92 -7.35
C SER A 146 12.17 19.67 -8.60
N GLU A 147 12.95 19.52 -9.68
CA GLU A 147 12.66 20.20 -10.93
C GLU A 147 12.90 19.31 -12.14
N ARG A 148 12.69 19.85 -13.33
CA ARG A 148 12.90 19.13 -14.56
C ARG A 148 14.18 19.65 -15.17
N ARG A 149 15.24 18.85 -15.09
CA ARG A 149 16.53 19.23 -15.61
C ARG A 149 16.61 19.07 -17.14
N GLY A 150 17.40 19.94 -17.77
CA GLY A 150 17.56 19.90 -19.21
C GLY A 150 18.38 18.70 -19.65
N PRO A 151 18.61 18.51 -20.97
CA PRO A 151 18.16 19.33 -22.09
C PRO A 151 16.66 19.20 -22.32
N GLY A 152 16.02 20.28 -22.75
CA GLY A 152 14.59 20.25 -22.99
C GLY A 152 13.81 19.75 -21.79
N GLU A 153 14.41 19.87 -20.61
CA GLU A 153 13.81 19.41 -19.36
C GLU A 153 13.37 17.94 -19.45
N ASN A 154 14.09 17.17 -20.26
CA ASN A 154 13.78 15.76 -20.45
C ASN A 154 14.34 14.87 -19.34
N GLU A 155 14.39 15.40 -18.13
CA GLU A 155 14.90 14.69 -16.97
C GLU A 155 14.21 15.35 -15.81
N VAL A 156 13.81 14.56 -14.82
CA VAL A 156 13.12 15.11 -13.65
C VAL A 156 13.64 14.42 -12.40
N VAL A 157 13.59 15.12 -11.27
CA VAL A 157 14.06 14.54 -10.01
C VAL A 157 13.29 15.08 -8.82
N ASP A 158 13.30 14.30 -7.74
CA ASP A 158 12.67 14.67 -6.48
C ASP A 158 13.65 14.16 -5.45
N THR A 159 13.73 14.83 -4.31
CA THR A 159 14.69 14.43 -3.29
C THR A 159 14.07 14.05 -1.97
N LEU A 160 14.53 12.93 -1.44
CA LEU A 160 14.07 12.43 -0.15
C LEU A 160 15.17 12.83 0.82
N ALA A 161 14.89 13.83 1.65
CA ALA A 161 15.87 14.31 2.59
C ALA A 161 15.38 14.27 4.02
N TYR A 162 16.25 13.81 4.92
CA TYR A 162 15.94 13.71 6.33
C TYR A 162 17.17 14.08 7.14
N THR A 163 16.94 14.59 8.35
CA THR A 163 18.04 14.96 9.21
C THR A 163 18.01 14.00 10.38
N ARG A 164 19.18 13.73 10.93
CA ARG A 164 19.29 12.83 12.07
C ARG A 164 18.28 13.17 13.16
N GLU A 165 18.05 14.46 13.41
CA GLU A 165 17.10 14.86 14.44
C GLU A 165 15.65 14.58 14.08
N GLU A 166 15.28 14.83 12.82
CA GLU A 166 13.92 14.59 12.37
C GLU A 166 13.54 13.14 12.60
N ILE A 167 14.51 12.25 12.44
CA ILE A 167 14.28 10.83 12.65
C ILE A 167 14.27 10.48 14.13
N GLU A 168 15.32 10.89 14.85
CA GLU A 168 15.42 10.61 16.28
C GLU A 168 14.14 10.91 17.06
N ARG A 169 13.58 12.09 16.82
CA ARG A 169 12.38 12.53 17.52
C ARG A 169 11.14 11.72 17.20
N ILE A 170 10.95 11.36 15.93
CA ILE A 170 9.77 10.58 15.54
C ILE A 170 9.80 9.19 16.16
N ILE A 171 10.99 8.60 16.20
CA ILE A 171 11.15 7.27 16.76
C ILE A 171 11.02 7.27 18.29
N GLU A 172 11.57 8.28 18.95
CA GLU A 172 11.45 8.34 20.40
C GLU A 172 10.00 8.47 20.77
N LYS A 173 9.27 9.28 20.02
CA LYS A 173 7.85 9.48 20.28
C LYS A 173 7.14 8.14 20.14
N ALA A 174 7.43 7.44 19.03
CA ALA A 174 6.84 6.13 18.75
C ALA A 174 7.07 5.18 19.93
N PHE A 175 8.31 5.08 20.38
CA PHE A 175 8.64 4.22 21.51
C PHE A 175 7.76 4.56 22.71
N GLN A 176 7.74 5.84 23.06
CA GLN A 176 6.96 6.32 24.19
C GLN A 176 5.49 5.93 24.08
N LEU A 177 4.95 5.95 22.87
CA LEU A 177 3.55 5.60 22.67
C LEU A 177 3.35 4.10 22.88
N ALA A 178 4.30 3.30 22.40
CA ALA A 178 4.20 1.86 22.55
C ALA A 178 4.23 1.48 24.02
N GLN A 179 5.03 2.20 24.77
CA GLN A 179 5.17 1.97 26.21
C GLN A 179 3.87 2.13 26.97
N ILE A 180 2.98 2.98 26.48
CA ILE A 180 1.70 3.18 27.14
C ILE A 180 0.64 2.27 26.55
N ARG A 181 1.02 1.54 25.51
CA ARG A 181 0.10 0.61 24.85
C ARG A 181 0.56 -0.83 25.12
N ARG A 182 0.59 -1.66 24.08
CA ARG A 182 0.99 -3.04 24.27
C ARG A 182 2.48 -3.29 24.18
N LYS A 183 3.27 -2.22 24.16
CA LYS A 183 4.72 -2.33 24.11
C LYS A 183 5.29 -3.10 22.92
N LYS A 184 4.77 -2.81 21.74
CA LYS A 184 5.23 -3.47 20.51
C LYS A 184 5.32 -2.44 19.40
N LEU A 185 6.54 -2.13 18.99
CA LEU A 185 6.75 -1.15 17.94
C LEU A 185 7.31 -1.76 16.67
N ALA A 186 6.66 -1.48 15.55
CA ALA A 186 7.10 -1.97 14.26
C ALA A 186 7.63 -0.80 13.44
N SER A 187 8.95 -0.74 13.30
CA SER A 187 9.62 0.30 12.52
C SER A 187 9.53 -0.19 11.08
N VAL A 188 8.94 0.61 10.20
CA VAL A 188 8.79 0.21 8.80
C VAL A 188 9.68 1.06 7.91
N ASP A 189 10.39 0.43 6.98
CA ASP A 189 11.27 1.15 6.06
C ASP A 189 11.59 0.37 4.80
N LYS A 190 12.55 0.87 4.03
CA LYS A 190 12.99 0.22 2.81
C LYS A 190 14.51 0.23 2.93
N ALA A 191 14.99 -0.17 4.10
CA ALA A 191 16.41 -0.20 4.46
C ALA A 191 17.34 -1.09 3.66
N ASN A 192 16.83 -1.68 2.60
CA ASN A 192 17.68 -2.52 1.78
C ASN A 192 18.06 -1.73 0.54
N VAL A 193 17.43 -0.57 0.36
CA VAL A 193 17.70 0.27 -0.80
C VAL A 193 17.91 1.72 -0.41
N LEU A 194 16.95 2.31 0.28
CA LEU A 194 17.03 3.71 0.67
C LEU A 194 18.04 3.95 1.78
N GLU A 195 19.01 4.83 1.52
CA GLU A 195 20.03 5.17 2.50
C GLU A 195 19.42 5.87 3.70
N SER A 196 18.31 6.58 3.47
CA SER A 196 17.60 7.27 4.54
C SER A 196 17.00 6.21 5.45
N SER A 197 16.48 5.15 4.82
CA SER A 197 15.90 4.02 5.56
C SER A 197 17.00 3.29 6.32
N ARG A 198 18.17 3.14 5.69
CA ARG A 198 19.30 2.47 6.32
C ARG A 198 19.65 3.21 7.60
N MET A 199 19.64 4.53 7.53
CA MET A 199 19.93 5.39 8.67
C MET A 199 18.81 5.31 9.69
N TRP A 200 17.57 5.23 9.19
CA TRP A 200 16.38 5.14 10.02
C TRP A 200 16.48 3.91 10.91
N ARG A 201 16.72 2.75 10.31
CA ARG A 201 16.81 1.50 11.06
C ARG A 201 17.91 1.58 12.10
N GLU A 202 19.04 2.17 11.73
CA GLU A 202 20.16 2.31 12.65
C GLU A 202 19.67 3.04 13.90
N ILE A 203 19.02 4.18 13.69
CA ILE A 203 18.50 5.00 14.77
C ILE A 203 17.43 4.27 15.58
N ALA A 204 16.56 3.55 14.88
CA ALA A 204 15.48 2.80 15.51
C ALA A 204 16.09 1.81 16.48
N GLU A 205 17.16 1.15 16.02
CA GLU A 205 17.86 0.15 16.81
C GLU A 205 18.46 0.77 18.07
N GLU A 206 19.09 1.94 17.91
CA GLU A 206 19.71 2.64 19.02
C GLU A 206 18.71 3.12 20.07
N THR A 207 17.57 3.63 19.60
CA THR A 207 16.55 4.12 20.51
C THR A 207 15.98 2.98 21.34
N ALA A 208 15.90 1.81 20.72
CA ALA A 208 15.35 0.63 21.40
C ALA A 208 16.02 0.38 22.74
N LYS A 209 17.32 0.66 22.80
CA LYS A 209 18.10 0.46 24.01
C LYS A 209 17.56 1.27 25.20
N LYS A 210 17.10 2.49 24.93
CA LYS A 210 16.57 3.37 25.98
C LYS A 210 15.21 2.88 26.46
N TYR A 211 14.53 2.08 25.65
CA TYR A 211 13.23 1.55 25.99
C TYR A 211 13.29 0.03 25.87
N PRO A 212 14.00 -0.62 26.81
CA PRO A 212 14.19 -2.07 26.86
C PRO A 212 12.91 -2.89 27.06
N ASP A 213 11.86 -2.23 27.50
CA ASP A 213 10.59 -2.91 27.73
C ASP A 213 9.66 -2.90 26.51
N VAL A 214 10.18 -2.50 25.36
CA VAL A 214 9.38 -2.46 24.14
C VAL A 214 9.99 -3.35 23.06
N GLU A 215 9.17 -4.22 22.49
CA GLU A 215 9.61 -5.13 21.45
C GLU A 215 9.67 -4.42 20.10
N LEU A 216 10.87 -4.25 19.56
CA LEU A 216 11.05 -3.59 18.27
C LEU A 216 11.20 -4.61 17.15
N SER A 217 10.59 -4.31 16.01
CA SER A 217 10.65 -5.16 14.82
C SER A 217 10.83 -4.25 13.62
N HIS A 218 11.56 -4.73 12.62
CA HIS A 218 11.79 -3.94 11.43
C HIS A 218 11.13 -4.63 10.25
N MET A 219 10.20 -3.95 9.59
CA MET A 219 9.51 -4.53 8.44
C MET A 219 9.70 -3.62 7.25
N LEU A 220 9.73 -4.20 6.06
CA LEU A 220 9.85 -3.41 4.86
C LEU A 220 8.46 -2.89 4.55
N VAL A 221 8.39 -1.65 4.06
CA VAL A 221 7.12 -1.04 3.74
C VAL A 221 6.20 -1.99 2.97
N ASP A 222 6.73 -2.63 1.92
CA ASP A 222 5.97 -3.55 1.10
C ASP A 222 5.39 -4.76 1.83
N SER A 223 6.17 -5.36 2.74
CA SER A 223 5.67 -6.49 3.49
C SER A 223 4.54 -5.97 4.39
N THR A 224 4.82 -4.87 5.08
CA THR A 224 3.86 -4.25 5.96
C THR A 224 2.56 -3.99 5.21
N SER A 225 2.69 -3.75 3.91
CA SER A 225 1.55 -3.51 3.05
C SER A 225 0.62 -4.71 3.08
N MET A 226 1.12 -5.87 2.68
CA MET A 226 0.29 -7.07 2.69
C MET A 226 -0.11 -7.57 4.08
N GLN A 227 0.71 -7.27 5.09
CA GLN A 227 0.40 -7.68 6.45
C GLN A 227 -0.83 -6.98 7.01
N LEU A 228 -1.05 -5.73 6.60
CA LEU A 228 -2.20 -4.96 7.06
C LEU A 228 -3.49 -5.60 6.57
N ILE A 229 -3.38 -6.46 5.57
CA ILE A 229 -4.52 -7.16 5.01
C ILE A 229 -4.59 -8.56 5.58
N ALA A 230 -3.48 -9.29 5.47
CA ALA A 230 -3.38 -10.67 5.94
C ALA A 230 -3.39 -10.92 7.45
N ASN A 231 -2.87 -9.99 8.24
CA ASN A 231 -2.83 -10.19 9.68
C ASN A 231 -2.60 -8.87 10.41
N PRO A 232 -3.52 -7.90 10.24
CA PRO A 232 -3.41 -6.59 10.87
C PRO A 232 -3.39 -6.66 12.40
N GLY A 233 -3.95 -7.72 12.96
CA GLY A 233 -4.00 -7.87 14.40
C GLY A 233 -2.67 -8.03 15.10
N GLN A 234 -1.62 -8.31 14.32
CA GLN A 234 -0.27 -8.48 14.87
C GLN A 234 0.37 -7.17 15.32
N PHE A 235 -0.09 -6.05 14.74
CA PHE A 235 0.47 -4.75 15.05
C PHE A 235 -0.07 -4.08 16.29
N ASP A 236 0.71 -3.13 16.82
CA ASP A 236 0.35 -2.32 17.98
C ASP A 236 0.66 -0.89 17.55
N VAL A 237 1.94 -0.55 17.50
CA VAL A 237 2.38 0.77 17.08
C VAL A 237 3.31 0.66 15.88
N ILE A 238 2.94 1.29 14.78
CA ILE A 238 3.76 1.26 13.58
C ILE A 238 4.33 2.65 13.44
N VAL A 239 5.57 2.76 13.01
CA VAL A 239 6.18 4.08 12.83
C VAL A 239 6.98 4.11 11.53
N THR A 240 6.88 5.20 10.79
CA THR A 240 7.58 5.30 9.52
C THR A 240 7.60 6.73 8.98
N GLU A 241 8.43 6.94 7.96
CA GLU A 241 8.59 8.23 7.33
C GLU A 241 7.37 8.66 6.53
N ASN A 242 7.30 9.96 6.24
CA ASN A 242 6.21 10.59 5.50
C ASN A 242 5.52 9.77 4.41
N MET A 243 6.16 9.70 3.24
CA MET A 243 5.63 8.98 2.08
C MET A 243 5.02 7.63 2.44
N PHE A 244 5.78 6.81 3.14
CA PHE A 244 5.32 5.48 3.53
C PHE A 244 4.09 5.55 4.43
N GLY A 245 4.18 6.38 5.47
CA GLY A 245 3.09 6.53 6.41
C GLY A 245 1.83 7.09 5.78
N ASP A 246 2.00 7.92 4.76
CA ASP A 246 0.83 8.51 4.10
C ASP A 246 0.04 7.37 3.48
N ILE A 247 0.75 6.48 2.79
CA ILE A 247 0.11 5.35 2.15
C ILE A 247 -0.49 4.37 3.17
N LEU A 248 0.35 3.81 4.03
CA LEU A 248 -0.10 2.85 5.03
C LEU A 248 -1.30 3.36 5.81
N SER A 249 -1.28 4.64 6.17
CA SER A 249 -2.39 5.20 6.91
C SER A 249 -3.66 5.00 6.13
N ASP A 250 -3.63 5.39 4.85
CA ASP A 250 -4.80 5.26 4.02
C ASP A 250 -5.22 3.81 3.86
N GLU A 251 -4.25 2.92 3.71
CA GLU A 251 -4.57 1.50 3.55
C GLU A 251 -5.34 0.99 4.77
N ALA A 252 -4.77 1.20 5.94
CA ALA A 252 -5.40 0.75 7.17
C ALA A 252 -6.76 1.37 7.47
N SER A 253 -7.10 2.47 6.82
CA SER A 253 -8.38 3.14 7.06
C SER A 253 -9.62 2.30 6.79
N VAL A 254 -9.62 1.58 5.68
CA VAL A 254 -10.77 0.78 5.30
C VAL A 254 -10.91 -0.59 5.95
N ILE A 255 -9.78 -1.20 6.30
CA ILE A 255 -9.81 -2.55 6.86
C ILE A 255 -10.85 -2.87 7.92
N THR A 256 -11.19 -1.93 8.78
CA THR A 256 -12.17 -2.20 9.84
C THR A 256 -13.58 -1.72 9.53
N GLY A 257 -13.74 -1.01 8.42
CA GLY A 257 -15.04 -0.49 8.04
C GLY A 257 -15.53 0.62 8.94
N SER A 258 -14.60 1.38 9.53
CA SER A 258 -14.96 2.49 10.41
C SER A 258 -14.52 3.85 9.87
N LEU A 259 -13.98 3.87 8.65
CA LEU A 259 -13.54 5.12 8.02
C LEU A 259 -14.75 6.04 8.01
N GLY A 260 -14.69 7.09 8.80
CA GLY A 260 -15.82 8.00 8.87
C GLY A 260 -16.03 8.36 10.33
N MET A 261 -15.43 7.56 11.19
CA MET A 261 -15.48 7.79 12.61
C MET A 261 -14.05 7.66 13.16
N LEU A 262 -13.09 7.69 12.23
CA LEU A 262 -11.68 7.61 12.57
C LEU A 262 -11.13 8.97 12.98
N PRO A 263 -10.45 9.03 14.12
CA PRO A 263 -9.85 10.27 14.64
C PRO A 263 -8.36 10.28 14.32
N SER A 264 -7.77 11.47 14.33
CA SER A 264 -6.34 11.60 14.07
C SER A 264 -5.80 12.56 15.12
N ALA A 265 -4.49 12.75 15.13
CA ALA A 265 -3.87 13.62 16.09
C ALA A 265 -2.46 13.93 15.64
N SER A 266 -2.07 15.18 15.75
CA SER A 266 -0.74 15.58 15.37
C SER A 266 -0.03 16.03 16.64
N LEU A 267 1.04 15.33 17.00
CA LEU A 267 1.80 15.62 18.21
C LEU A 267 3.21 16.06 17.88
N ARG A 268 3.94 16.43 18.93
CA ARG A 268 5.32 16.84 18.79
C ARG A 268 6.02 16.27 20.02
N SER A 269 7.25 16.70 20.25
CA SER A 269 8.04 16.20 21.38
C SER A 269 7.45 16.33 22.78
N ASP A 270 6.32 17.01 22.94
CA ASP A 270 5.73 17.16 24.27
C ASP A 270 4.24 16.85 24.36
N ARG A 271 3.69 17.07 25.55
CA ARG A 271 2.28 16.83 25.84
C ARG A 271 1.32 17.67 25.01
N PHE A 272 1.83 18.73 24.39
CA PHE A 272 0.97 19.56 23.57
C PHE A 272 0.64 18.83 22.28
N GLY A 273 -0.60 18.97 21.84
CA GLY A 273 -1.02 18.32 20.62
C GLY A 273 -2.28 18.89 20.00
N MET A 274 -2.50 18.55 18.74
CA MET A 274 -3.67 19.00 18.01
C MET A 274 -4.45 17.73 17.68
N TYR A 275 -5.74 17.74 18.00
CA TYR A 275 -6.60 16.58 17.77
C TYR A 275 -7.77 16.90 16.85
N GLU A 276 -7.96 16.11 15.81
CA GLU A 276 -9.04 16.36 14.88
C GLU A 276 -9.57 15.07 14.24
N PRO A 277 -10.85 15.07 13.85
CA PRO A 277 -11.40 13.87 13.22
C PRO A 277 -10.81 13.83 11.82
N VAL A 278 -10.67 12.63 11.27
CA VAL A 278 -10.12 12.46 9.94
C VAL A 278 -11.04 12.98 8.81
N HIS A 279 -12.35 13.01 9.05
CA HIS A 279 -13.31 13.45 8.02
C HIS A 279 -13.23 14.92 7.60
N GLY A 280 -13.71 15.21 6.39
CA GLY A 280 -13.70 16.57 5.89
C GLY A 280 -14.77 17.49 6.45
N SER A 281 -14.98 18.61 5.78
CA SER A 281 -15.97 19.59 6.20
C SER A 281 -17.41 19.22 5.86
N ALA A 282 -17.61 18.53 4.75
CA ALA A 282 -18.95 18.10 4.31
C ALA A 282 -19.98 19.23 4.39
N PRO A 283 -19.82 20.26 3.55
CA PRO A 283 -20.74 21.40 3.54
C PRO A 283 -22.19 21.04 3.22
N ASP A 284 -22.37 20.26 2.16
CA ASP A 284 -23.71 19.84 1.74
C ASP A 284 -24.50 19.16 2.86
N ILE A 285 -23.77 18.62 3.84
CA ILE A 285 -24.37 17.93 4.97
C ILE A 285 -24.60 18.90 6.12
N ALA A 286 -23.87 20.01 6.10
CA ALA A 286 -23.97 21.02 7.15
C ALA A 286 -25.39 21.46 7.43
N GLY A 287 -25.69 21.61 8.73
CA GLY A 287 -27.00 22.04 9.16
C GLY A 287 -28.11 21.00 9.19
N GLN A 288 -28.00 19.94 8.38
CA GLN A 288 -29.02 18.90 8.31
C GLN A 288 -29.03 17.86 9.44
N GLY A 289 -28.28 18.13 10.51
CA GLY A 289 -28.22 17.23 11.66
C GLY A 289 -27.82 15.79 11.38
N LYS A 290 -27.04 15.57 10.33
CA LYS A 290 -26.62 14.23 9.97
C LYS A 290 -25.11 14.03 9.95
N ALA A 291 -24.38 14.87 10.68
CA ALA A 291 -22.93 14.74 10.74
C ALA A 291 -22.57 13.76 11.84
N ASN A 292 -21.54 12.94 11.61
CA ASN A 292 -21.10 11.95 12.58
C ASN A 292 -20.11 12.55 13.59
N PRO A 293 -20.53 12.70 14.85
CA PRO A 293 -19.72 13.26 15.93
C PRO A 293 -18.71 12.30 16.54
N LEU A 294 -18.87 11.00 16.29
CA LEU A 294 -17.98 10.00 16.86
C LEU A 294 -16.51 10.25 16.57
N GLY A 295 -16.20 10.59 15.32
CA GLY A 295 -14.83 10.87 14.95
C GLY A 295 -14.20 11.94 15.82
N THR A 296 -14.92 13.03 16.02
CA THR A 296 -14.40 14.12 16.83
C THR A 296 -14.38 13.72 18.30
N VAL A 297 -15.41 13.00 18.74
CA VAL A 297 -15.49 12.56 20.12
C VAL A 297 -14.30 11.68 20.48
N LEU A 298 -13.89 10.83 19.55
CA LEU A 298 -12.76 9.96 19.80
C LEU A 298 -11.52 10.81 19.88
N SER A 299 -11.41 11.80 18.98
CA SER A 299 -10.25 12.69 18.98
C SER A 299 -10.10 13.35 20.36
N ALA A 300 -11.24 13.68 20.96
CA ALA A 300 -11.25 14.28 22.29
C ALA A 300 -10.63 13.34 23.32
N ALA A 301 -10.97 12.05 23.22
CA ALA A 301 -10.45 11.03 24.12
C ALA A 301 -8.94 10.88 23.92
N LEU A 302 -8.49 10.92 22.67
CA LEU A 302 -7.06 10.83 22.38
C LEU A 302 -6.38 11.99 23.06
N MET A 303 -7.02 13.15 23.01
CA MET A 303 -6.49 14.35 23.61
C MET A 303 -6.27 14.13 25.10
N LEU A 304 -7.29 13.62 25.78
CA LEU A 304 -7.17 13.37 27.21
C LEU A 304 -6.06 12.35 27.51
N ARG A 305 -5.89 11.38 26.64
CA ARG A 305 -4.87 10.34 26.81
C ARG A 305 -3.45 10.84 26.57
N TYR A 306 -3.23 11.40 25.38
CA TYR A 306 -1.91 11.86 24.99
C TYR A 306 -1.44 13.22 25.48
N SER A 307 -2.35 14.15 25.77
CA SER A 307 -1.94 15.45 26.25
C SER A 307 -2.03 15.57 27.76
N PHE A 308 -3.12 15.08 28.35
CA PHE A 308 -3.28 15.20 29.80
C PHE A 308 -3.06 13.92 30.60
N GLY A 309 -2.87 12.80 29.92
CA GLY A 309 -2.64 11.54 30.60
C GLY A 309 -3.83 11.00 31.37
N LEU A 310 -5.00 11.61 31.16
CA LEU A 310 -6.22 11.18 31.84
C LEU A 310 -6.72 9.92 31.15
N GLU A 311 -6.06 8.79 31.42
CA GLU A 311 -6.41 7.51 30.82
C GLU A 311 -7.80 7.01 31.15
N LYS A 312 -8.18 7.07 32.42
CA LYS A 312 -9.51 6.58 32.81
C LYS A 312 -10.62 7.34 32.08
N GLU A 313 -10.40 8.64 31.91
CA GLU A 313 -11.37 9.50 31.23
C GLU A 313 -11.47 9.17 29.75
N ALA A 314 -10.32 8.95 29.10
CA ALA A 314 -10.32 8.60 27.69
C ALA A 314 -11.00 7.26 27.53
N ALA A 315 -10.67 6.34 28.43
CA ALA A 315 -11.24 5.00 28.41
C ALA A 315 -12.77 5.07 28.42
N ALA A 316 -13.32 5.87 29.33
CA ALA A 316 -14.76 6.03 29.45
C ALA A 316 -15.40 6.48 28.14
N ILE A 317 -14.77 7.44 27.47
CA ILE A 317 -15.32 7.93 26.21
C ILE A 317 -15.37 6.84 25.16
N GLU A 318 -14.25 6.15 25.00
CA GLU A 318 -14.16 5.08 24.01
C GLU A 318 -15.16 3.97 24.29
N LYS A 319 -15.39 3.70 25.58
CA LYS A 319 -16.34 2.67 25.96
C LYS A 319 -17.72 3.13 25.50
N ALA A 320 -18.08 4.34 25.90
CA ALA A 320 -19.36 4.93 25.55
C ALA A 320 -19.63 4.82 24.05
N VAL A 321 -18.61 5.14 23.26
CA VAL A 321 -18.74 5.07 21.81
C VAL A 321 -19.10 3.66 21.36
N ASP A 322 -18.34 2.69 21.87
CA ASP A 322 -18.58 1.29 21.52
C ASP A 322 -20.01 0.93 21.84
N ASP A 323 -20.41 1.16 23.09
CA ASP A 323 -21.76 0.84 23.53
C ASP A 323 -22.86 1.43 22.66
N VAL A 324 -22.69 2.68 22.23
CA VAL A 324 -23.70 3.29 21.39
C VAL A 324 -23.74 2.49 20.10
N LEU A 325 -22.58 2.23 19.53
CA LEU A 325 -22.48 1.46 18.30
C LEU A 325 -23.04 0.06 18.55
N GLN A 326 -22.86 -0.40 19.78
CA GLN A 326 -23.31 -1.72 20.22
C GLN A 326 -24.82 -1.76 20.09
N ASP A 327 -25.47 -0.69 20.48
CA ASP A 327 -26.93 -0.63 20.40
C ASP A 327 -27.42 -0.33 18.99
N GLY A 328 -26.51 -0.40 18.02
CA GLY A 328 -26.86 -0.18 16.63
C GLY A 328 -27.26 1.24 16.25
N TYR A 329 -26.62 2.23 16.87
CA TYR A 329 -26.92 3.63 16.58
C TYR A 329 -25.82 4.34 15.80
N CYS A 330 -26.22 5.21 14.89
CA CYS A 330 -25.31 6.02 14.09
C CYS A 330 -26.16 7.08 13.39
N THR A 331 -25.54 7.86 12.50
CA THR A 331 -26.27 8.90 11.79
C THR A 331 -26.60 8.56 10.35
N GLY A 332 -26.16 7.39 9.89
CA GLY A 332 -26.44 6.99 8.54
C GLY A 332 -25.24 6.64 7.69
N ASP A 333 -24.08 7.23 8.00
CA ASP A 333 -22.86 6.96 7.26
C ASP A 333 -22.30 5.59 7.59
N LEU A 334 -22.38 5.20 8.85
CA LEU A 334 -21.89 3.91 9.30
C LEU A 334 -22.94 2.86 9.03
N GLN A 335 -22.49 1.62 8.99
CA GLN A 335 -23.39 0.50 8.75
C GLN A 335 -23.35 -0.43 9.96
N VAL A 336 -24.00 -0.01 11.04
CA VAL A 336 -24.07 -0.80 12.27
C VAL A 336 -24.93 -2.03 12.06
N ALA A 337 -24.77 -3.03 12.93
CA ALA A 337 -25.51 -4.28 12.88
C ALA A 337 -26.99 -4.03 12.65
N ASN A 338 -27.76 -3.93 13.72
CA ASN A 338 -29.18 -3.66 13.55
C ASN A 338 -29.32 -2.16 13.62
N GLY A 339 -28.94 -1.54 12.51
CA GLY A 339 -28.93 -0.10 12.35
C GLY A 339 -30.15 0.75 12.61
N LYS A 340 -29.92 1.85 13.29
CA LYS A 340 -30.94 2.82 13.62
C LYS A 340 -30.28 4.18 13.45
N VAL A 341 -30.80 4.93 12.49
CA VAL A 341 -30.28 6.25 12.19
C VAL A 341 -31.00 7.30 13.03
N VAL A 342 -30.22 8.15 13.69
CA VAL A 342 -30.76 9.23 14.48
C VAL A 342 -29.90 10.47 14.18
N SER A 343 -30.30 11.59 14.74
CA SER A 343 -29.57 12.83 14.50
C SER A 343 -28.30 12.99 15.32
N THR A 344 -27.47 13.93 14.89
CA THR A 344 -26.20 14.21 15.56
C THR A 344 -26.38 14.55 17.04
N ILE A 345 -27.36 15.39 17.34
CA ILE A 345 -27.63 15.76 18.72
C ILE A 345 -28.06 14.50 19.48
N GLU A 346 -28.96 13.74 18.87
CA GLU A 346 -29.48 12.50 19.44
C GLU A 346 -28.36 11.52 19.85
N LEU A 347 -27.52 11.10 18.91
CA LEU A 347 -26.40 10.22 19.25
C LEU A 347 -25.58 10.74 20.40
N THR A 348 -25.32 12.02 20.33
CA THR A 348 -24.54 12.67 21.34
C THR A 348 -25.24 12.48 22.66
N ASP A 349 -26.55 12.68 22.65
CA ASP A 349 -27.34 12.52 23.87
C ASP A 349 -27.17 11.11 24.40
N ARG A 350 -27.25 10.13 23.51
CA ARG A 350 -27.10 8.75 23.91
C ARG A 350 -25.69 8.53 24.46
N LEU A 351 -24.69 9.05 23.77
CA LEU A 351 -23.30 8.93 24.19
C LEU A 351 -23.18 9.35 25.64
N ILE A 352 -23.74 10.51 25.95
CA ILE A 352 -23.70 11.03 27.31
C ILE A 352 -24.50 10.13 28.22
N GLU A 353 -25.67 9.74 27.76
CA GLU A 353 -26.57 8.87 28.51
C GLU A 353 -25.86 7.57 28.88
N LYS A 354 -24.97 7.10 27.99
CA LYS A 354 -24.21 5.88 28.22
C LYS A 354 -23.04 6.24 29.12
N LEU A 355 -22.58 7.47 28.97
CA LEU A 355 -21.45 7.99 29.72
C LEU A 355 -21.68 8.06 31.22
N ASN A 356 -22.82 7.52 31.69
CA ASN A 356 -23.15 7.52 33.10
C ASN A 356 -24.20 6.47 33.46
N MET B 1 3.76 -18.78 -35.70
CA MET B 1 3.89 -20.16 -36.27
C MET B 1 5.07 -20.89 -35.66
N LYS B 2 6.28 -20.45 -36.03
CA LYS B 2 7.51 -21.04 -35.51
C LYS B 2 7.98 -20.17 -34.35
N MET B 3 8.54 -20.79 -33.33
CA MET B 3 9.02 -20.05 -32.17
C MET B 3 10.12 -20.78 -31.41
N LYS B 4 11.20 -20.07 -31.11
CA LYS B 4 12.32 -20.63 -30.37
C LYS B 4 12.22 -20.08 -28.96
N LEU B 5 11.94 -20.96 -28.01
CA LEU B 5 11.80 -20.56 -26.62
C LEU B 5 13.01 -20.95 -25.82
N ALA B 6 13.59 -19.97 -25.14
CA ALA B 6 14.75 -20.21 -24.29
C ALA B 6 14.21 -20.72 -22.95
N VAL B 7 14.58 -21.93 -22.58
CA VAL B 7 14.09 -22.50 -21.33
C VAL B 7 15.18 -22.58 -20.27
N LEU B 8 14.91 -21.96 -19.13
CA LEU B 8 15.86 -21.94 -18.03
C LEU B 8 15.16 -22.42 -16.76
N PRO B 9 15.24 -23.73 -16.49
CA PRO B 9 14.65 -24.36 -15.32
C PRO B 9 15.12 -23.73 -14.02
N GLY B 10 16.41 -23.86 -13.72
CA GLY B 10 16.93 -23.27 -12.51
C GLY B 10 17.25 -24.25 -11.40
N ASP B 11 16.87 -23.89 -10.17
CA ASP B 11 17.13 -24.71 -9.00
C ASP B 11 15.83 -25.09 -8.27
N GLY B 12 15.97 -25.96 -7.27
CA GLY B 12 14.83 -26.40 -6.48
C GLY B 12 13.72 -27.05 -7.29
N ILE B 13 12.50 -26.62 -7.04
CA ILE B 13 11.34 -27.15 -7.75
C ILE B 13 11.33 -26.68 -9.19
N GLY B 14 12.25 -25.76 -9.50
CA GLY B 14 12.37 -25.20 -10.84
C GLY B 14 12.14 -26.19 -11.97
N PRO B 15 12.99 -27.21 -12.10
CA PRO B 15 12.85 -28.22 -13.15
C PRO B 15 11.49 -28.92 -13.14
N GLU B 16 11.06 -29.36 -11.95
CA GLU B 16 9.79 -30.04 -11.79
C GLU B 16 8.68 -29.25 -12.45
N VAL B 17 8.44 -28.04 -11.95
CA VAL B 17 7.39 -27.19 -12.49
C VAL B 17 7.59 -26.84 -13.96
N MET B 18 8.85 -26.83 -14.41
CA MET B 18 9.16 -26.51 -15.80
C MET B 18 8.69 -27.62 -16.72
N ASP B 19 8.98 -28.86 -16.35
CA ASP B 19 8.57 -30.01 -17.15
C ASP B 19 7.06 -29.96 -17.30
N ALA B 20 6.40 -29.78 -16.16
CA ALA B 20 4.95 -29.70 -16.13
C ALA B 20 4.45 -28.67 -17.14
N ALA B 21 5.05 -27.48 -17.10
CA ALA B 21 4.68 -26.39 -17.98
C ALA B 21 4.92 -26.73 -19.45
N ILE B 22 6.13 -27.20 -19.75
CA ILE B 22 6.48 -27.56 -21.12
C ILE B 22 5.46 -28.53 -21.69
N ARG B 23 5.11 -29.54 -20.90
CA ARG B 23 4.13 -30.54 -21.33
C ARG B 23 2.86 -29.85 -21.80
N VAL B 24 2.28 -29.06 -20.90
CA VAL B 24 1.06 -28.33 -21.20
C VAL B 24 1.27 -27.49 -22.44
N LEU B 25 2.40 -26.80 -22.49
CA LEU B 25 2.74 -25.94 -23.59
C LEU B 25 2.74 -26.72 -24.91
N LYS B 26 3.45 -27.84 -24.92
CA LYS B 26 3.55 -28.67 -26.10
C LYS B 26 2.20 -29.08 -26.66
N THR B 27 1.36 -29.70 -25.84
CA THR B 27 0.05 -30.14 -26.28
C THR B 27 -0.72 -29.02 -26.98
N VAL B 28 -0.87 -27.90 -26.28
CA VAL B 28 -1.59 -26.74 -26.79
C VAL B 28 -1.13 -26.33 -28.18
N LEU B 29 0.18 -26.25 -28.36
CA LEU B 29 0.73 -25.86 -29.65
C LEU B 29 0.43 -26.91 -30.71
N ASP B 30 0.61 -28.17 -30.35
CA ASP B 30 0.34 -29.27 -31.24
C ASP B 30 -1.07 -29.19 -31.83
N ASN B 31 -2.04 -28.92 -30.97
CA ASN B 31 -3.44 -28.83 -31.37
C ASN B 31 -3.77 -27.75 -32.41
N ASP B 32 -2.77 -26.92 -32.75
CA ASP B 32 -2.99 -25.86 -33.73
C ASP B 32 -1.87 -25.76 -34.77
N GLY B 33 -1.11 -26.85 -34.91
CA GLY B 33 -0.03 -26.91 -35.88
C GLY B 33 1.21 -26.05 -35.66
N HIS B 34 1.34 -25.46 -34.48
CA HIS B 34 2.50 -24.61 -34.20
C HIS B 34 3.75 -25.46 -34.00
N GLU B 35 4.89 -24.93 -34.43
CA GLU B 35 6.15 -25.63 -34.30
C GLU B 35 7.05 -24.81 -33.39
N ALA B 36 7.48 -25.39 -32.28
CA ALA B 36 8.31 -24.69 -31.32
C ALA B 36 9.61 -25.42 -31.00
N VAL B 37 10.65 -24.65 -30.68
CA VAL B 37 11.97 -25.18 -30.36
C VAL B 37 12.35 -24.76 -28.93
N PHE B 38 12.81 -25.72 -28.13
CA PHE B 38 13.18 -25.43 -26.75
C PHE B 38 14.65 -25.72 -26.47
N GLU B 39 15.43 -24.67 -26.28
CA GLU B 39 16.84 -24.85 -25.98
C GLU B 39 17.02 -24.60 -24.50
N ASN B 40 17.52 -25.60 -23.79
CA ASN B 40 17.71 -25.46 -22.34
C ASN B 40 19.07 -24.89 -22.00
N ALA B 41 19.07 -23.87 -21.16
CA ALA B 41 20.30 -23.23 -20.73
C ALA B 41 20.35 -23.22 -19.21
N LEU B 42 21.53 -23.03 -18.65
CA LEU B 42 21.69 -23.01 -17.20
C LEU B 42 21.65 -21.60 -16.62
N ILE B 43 21.26 -21.51 -15.35
CA ILE B 43 21.19 -20.24 -14.65
C ILE B 43 21.08 -20.55 -13.15
N GLY B 44 21.44 -19.60 -12.30
CA GLY B 44 21.37 -19.84 -10.87
C GLY B 44 22.42 -20.84 -10.45
N GLY B 45 22.19 -21.46 -9.29
CA GLY B 45 23.12 -22.45 -8.75
C GLY B 45 23.63 -23.51 -9.70
N ALA B 46 22.76 -23.99 -10.58
CA ALA B 46 23.16 -25.01 -11.55
C ALA B 46 24.30 -24.47 -12.41
N ALA B 47 24.04 -23.34 -13.05
CA ALA B 47 25.02 -22.68 -13.91
C ALA B 47 26.31 -22.44 -13.15
N ILE B 48 26.18 -22.02 -11.90
CA ILE B 48 27.33 -21.78 -11.04
C ILE B 48 28.14 -23.07 -10.93
N ASP B 49 27.46 -24.16 -10.62
CA ASP B 49 28.13 -25.44 -10.48
C ASP B 49 28.81 -25.92 -11.77
N GLU B 50 28.20 -25.63 -12.91
CA GLU B 50 28.76 -26.08 -14.18
C GLU B 50 29.61 -25.08 -14.97
N ALA B 51 29.58 -23.81 -14.59
CA ALA B 51 30.35 -22.80 -15.31
C ALA B 51 30.95 -21.73 -14.40
N GLY B 52 30.77 -21.88 -13.10
CA GLY B 52 31.32 -20.93 -12.14
C GLY B 52 30.54 -19.63 -11.99
N THR B 53 29.62 -19.37 -12.92
CA THR B 53 28.82 -18.15 -12.88
C THR B 53 27.34 -18.44 -12.95
N PRO B 54 26.54 -17.69 -12.18
CA PRO B 54 25.08 -17.87 -12.17
C PRO B 54 24.43 -17.55 -13.51
N LEU B 55 25.16 -16.86 -14.39
CA LEU B 55 24.62 -16.53 -15.71
C LEU B 55 25.71 -16.65 -16.77
N PRO B 56 26.02 -17.88 -17.19
CA PRO B 56 27.04 -18.15 -18.21
C PRO B 56 26.75 -17.54 -19.58
N GLU B 57 27.83 -17.30 -20.33
CA GLU B 57 27.73 -16.69 -21.67
C GLU B 57 26.82 -17.44 -22.64
N GLU B 58 26.90 -18.77 -22.62
CA GLU B 58 26.08 -19.59 -23.49
C GLU B 58 24.60 -19.28 -23.29
N THR B 59 24.21 -19.08 -22.03
CA THR B 59 22.84 -18.78 -21.69
C THR B 59 22.38 -17.48 -22.33
N LEU B 60 23.23 -16.46 -22.29
CA LEU B 60 22.90 -15.19 -22.88
C LEU B 60 22.74 -15.35 -24.39
N ASP B 61 23.67 -16.07 -25.01
CA ASP B 61 23.60 -16.31 -26.46
C ASP B 61 22.25 -16.93 -26.82
N ILE B 62 21.85 -17.96 -26.08
CA ILE B 62 20.57 -18.62 -26.34
C ILE B 62 19.42 -17.63 -26.20
N CYS B 63 19.39 -16.91 -25.09
CA CYS B 63 18.33 -15.94 -24.83
C CYS B 63 18.19 -14.93 -25.96
N ARG B 64 19.31 -14.34 -26.38
CA ARG B 64 19.31 -13.34 -27.44
C ARG B 64 18.74 -13.89 -28.74
N ARG B 65 18.99 -15.17 -29.00
CA ARG B 65 18.52 -15.83 -30.20
C ARG B 65 17.04 -16.19 -30.11
N SER B 66 16.57 -16.43 -28.89
CA SER B 66 15.18 -16.82 -28.64
C SER B 66 14.11 -15.77 -28.81
N ASP B 67 12.91 -16.23 -29.13
CA ASP B 67 11.74 -15.38 -29.32
C ASP B 67 11.20 -14.88 -27.98
N ALA B 68 11.46 -15.66 -26.92
CA ALA B 68 11.05 -15.33 -25.57
C ALA B 68 11.83 -16.25 -24.64
N ILE B 69 11.68 -16.05 -23.33
CA ILE B 69 12.41 -16.88 -22.37
C ILE B 69 11.58 -17.29 -21.16
N LEU B 70 11.46 -18.61 -20.97
CA LEU B 70 10.71 -19.21 -19.87
C LEU B 70 11.65 -19.58 -18.74
N LEU B 71 11.36 -19.07 -17.54
CA LEU B 71 12.19 -19.33 -16.38
C LEU B 71 11.43 -20.01 -15.24
N GLY B 72 12.12 -20.89 -14.52
CA GLY B 72 11.52 -21.57 -13.39
C GLY B 72 11.78 -20.76 -12.15
N ALA B 73 12.82 -21.13 -11.39
CA ALA B 73 13.18 -20.42 -10.16
C ALA B 73 14.63 -20.74 -9.81
N VAL B 74 15.29 -19.84 -9.08
CA VAL B 74 16.68 -20.03 -8.68
C VAL B 74 16.83 -19.83 -7.16
N GLY B 75 17.81 -20.51 -6.56
CA GLY B 75 18.02 -20.37 -5.13
C GLY B 75 18.32 -21.68 -4.45
N GLY B 76 19.01 -21.63 -3.31
CA GLY B 76 19.35 -22.84 -2.57
C GLY B 76 20.40 -22.58 -1.52
N PRO B 77 20.40 -23.33 -0.40
CA PRO B 77 21.36 -23.20 0.72
C PRO B 77 22.80 -23.50 0.36
N LYS B 78 22.99 -24.26 -0.72
CA LYS B 78 24.31 -24.66 -1.17
C LYS B 78 25.17 -23.46 -1.56
N TRP B 79 24.52 -22.42 -2.08
CA TRP B 79 25.24 -21.23 -2.54
C TRP B 79 25.17 -20.02 -1.60
N ASP B 80 24.56 -20.19 -0.43
CA ASP B 80 24.41 -19.10 0.53
C ASP B 80 25.66 -18.62 1.24
N HIS B 81 26.83 -19.17 0.89
CA HIS B 81 28.06 -18.74 1.53
C HIS B 81 28.93 -17.98 0.55
N ASN B 82 28.40 -17.77 -0.65
CA ASN B 82 29.11 -17.09 -1.70
C ASN B 82 28.82 -15.60 -1.71
N PRO B 83 29.75 -14.79 -2.23
CA PRO B 83 29.54 -13.34 -2.29
C PRO B 83 28.40 -13.05 -3.30
N ALA B 84 27.61 -12.03 -3.03
CA ALA B 84 26.48 -11.66 -3.88
C ALA B 84 26.63 -11.88 -5.39
N SER B 85 27.77 -11.50 -5.95
CA SER B 85 27.97 -11.68 -7.38
C SER B 85 28.02 -13.13 -7.83
N LEU B 86 28.27 -14.04 -6.89
CA LEU B 86 28.35 -15.47 -7.18
C LEU B 86 27.19 -16.25 -6.55
N ARG B 87 25.98 -15.74 -6.70
CA ARG B 87 24.80 -16.40 -6.17
C ARG B 87 23.73 -16.51 -7.24
N PRO B 88 22.77 -17.44 -7.08
CA PRO B 88 21.69 -17.65 -8.05
C PRO B 88 21.01 -16.38 -8.53
N GLU B 89 20.41 -15.67 -7.59
CA GLU B 89 19.69 -14.43 -7.83
C GLU B 89 20.39 -13.48 -8.80
N LYS B 90 21.69 -13.30 -8.59
CA LYS B 90 22.48 -12.41 -9.43
C LYS B 90 22.30 -12.74 -10.91
N GLY B 91 22.33 -14.03 -11.23
CA GLY B 91 22.19 -14.46 -12.61
C GLY B 91 20.85 -14.04 -13.19
N LEU B 92 19.84 -14.05 -12.33
CA LEU B 92 18.50 -13.69 -12.74
C LEU B 92 18.41 -12.19 -13.07
N LEU B 93 18.79 -11.35 -12.11
CA LEU B 93 18.76 -9.90 -12.29
C LEU B 93 19.65 -9.52 -13.46
N GLY B 94 20.77 -10.22 -13.59
CA GLY B 94 21.69 -9.97 -14.68
C GLY B 94 20.97 -10.18 -15.99
N LEU B 95 20.38 -11.36 -16.14
CA LEU B 95 19.65 -11.70 -17.35
C LEU B 95 18.59 -10.66 -17.69
N ARG B 96 17.88 -10.19 -16.68
CA ARG B 96 16.83 -9.21 -16.88
C ARG B 96 17.35 -7.91 -17.45
N LYS B 97 18.48 -7.46 -16.94
CA LYS B 97 19.10 -6.21 -17.40
C LYS B 97 19.66 -6.35 -18.80
N GLU B 98 20.40 -7.42 -19.05
CA GLU B 98 21.00 -7.66 -20.36
C GLU B 98 19.95 -7.69 -21.47
N MET B 99 18.78 -8.28 -21.17
CA MET B 99 17.71 -8.33 -22.16
C MET B 99 16.98 -7.00 -22.28
N GLY B 100 17.29 -6.08 -21.36
CA GLY B 100 16.68 -4.77 -21.38
C GLY B 100 15.19 -4.82 -21.14
N LEU B 101 14.80 -5.44 -20.05
CA LEU B 101 13.39 -5.54 -19.70
C LEU B 101 13.10 -4.45 -18.67
N PHE B 102 12.12 -3.61 -18.97
CA PHE B 102 11.76 -2.50 -18.07
C PHE B 102 10.38 -2.61 -17.44
N ALA B 103 9.50 -3.36 -18.09
CA ALA B 103 8.14 -3.53 -17.60
C ALA B 103 7.98 -4.87 -16.89
N ASN B 104 7.28 -4.84 -15.76
CA ASN B 104 7.03 -6.05 -14.99
C ASN B 104 5.54 -6.19 -14.77
N LEU B 105 4.97 -7.28 -15.26
CA LEU B 105 3.54 -7.52 -15.12
C LEU B 105 3.26 -8.53 -14.03
N ARG B 106 2.33 -8.18 -13.16
CA ARG B 106 1.93 -9.06 -12.09
C ARG B 106 0.40 -9.13 -12.12
N PRO B 107 -0.15 -10.10 -12.87
CA PRO B 107 -1.61 -10.22 -12.94
C PRO B 107 -2.09 -10.82 -11.63
N VAL B 108 -3.36 -10.61 -11.33
CA VAL B 108 -3.98 -11.15 -10.13
C VAL B 108 -5.43 -11.38 -10.49
N LYS B 109 -5.80 -12.65 -10.59
CA LYS B 109 -7.16 -13.03 -10.96
C LYS B 109 -7.78 -13.83 -9.83
N ALA B 110 -9.08 -13.65 -9.63
CA ALA B 110 -9.81 -14.34 -8.58
C ALA B 110 -10.31 -15.70 -9.04
N TYR B 111 -9.94 -16.74 -8.30
CA TYR B 111 -10.38 -18.08 -8.63
C TYR B 111 -11.41 -18.50 -7.58
N ALA B 112 -12.64 -18.70 -8.06
CA ALA B 112 -13.78 -19.06 -7.22
C ALA B 112 -13.55 -20.06 -6.09
N THR B 113 -12.90 -21.17 -6.39
CA THR B 113 -12.61 -22.19 -5.38
C THR B 113 -11.45 -21.81 -4.46
N LEU B 114 -10.99 -20.57 -4.57
CA LEU B 114 -9.90 -20.05 -3.77
C LEU B 114 -10.32 -18.86 -2.90
N LEU B 115 -11.52 -18.34 -3.13
CA LEU B 115 -12.02 -17.20 -2.37
C LEU B 115 -12.04 -17.40 -0.87
N ASN B 116 -12.16 -18.63 -0.41
CA ASN B 116 -12.18 -18.91 1.03
C ASN B 116 -10.82 -18.55 1.66
N ALA B 117 -9.78 -18.52 0.83
CA ALA B 117 -8.44 -18.20 1.29
C ALA B 117 -8.17 -16.69 1.25
N SER B 118 -9.00 -15.96 0.50
CA SER B 118 -8.86 -14.51 0.38
C SER B 118 -9.11 -13.83 1.71
N PRO B 119 -8.23 -12.91 2.11
CA PRO B 119 -8.37 -12.18 3.38
C PRO B 119 -9.59 -11.27 3.38
N LEU B 120 -10.10 -10.98 2.20
CA LEU B 120 -11.28 -10.13 2.05
C LEU B 120 -12.54 -10.95 1.92
N LYS B 121 -13.68 -10.31 2.09
CA LYS B 121 -14.96 -10.97 1.95
C LYS B 121 -15.13 -11.29 0.47
N ARG B 122 -15.78 -12.40 0.18
CA ARG B 122 -16.03 -12.85 -1.19
C ARG B 122 -16.56 -11.74 -2.11
N GLU B 123 -17.62 -11.07 -1.67
CA GLU B 123 -18.25 -10.00 -2.45
C GLU B 123 -17.33 -8.97 -3.09
N ARG B 124 -16.14 -8.79 -2.52
CA ARG B 124 -15.19 -7.80 -3.01
C ARG B 124 -14.13 -8.36 -3.93
N VAL B 125 -13.45 -9.39 -3.47
CA VAL B 125 -12.39 -10.04 -4.22
C VAL B 125 -12.93 -10.79 -5.43
N GLU B 126 -14.22 -11.06 -5.41
CA GLU B 126 -14.90 -11.75 -6.51
C GLU B 126 -14.74 -10.85 -7.75
N ASN B 127 -14.46 -11.47 -8.90
CA ASN B 127 -14.30 -10.73 -10.16
C ASN B 127 -12.96 -10.04 -10.40
N VAL B 128 -12.09 -10.02 -9.39
CA VAL B 128 -10.78 -9.38 -9.56
C VAL B 128 -10.04 -10.00 -10.74
N ASP B 129 -9.64 -9.15 -11.68
CA ASP B 129 -8.91 -9.61 -12.87
C ASP B 129 -8.05 -8.45 -13.37
N LEU B 130 -7.05 -8.10 -12.58
CA LEU B 130 -6.18 -7.00 -12.93
C LEU B 130 -4.74 -7.42 -13.22
N VAL B 131 -3.96 -6.48 -13.72
CA VAL B 131 -2.54 -6.68 -14.01
C VAL B 131 -1.84 -5.38 -13.62
N ILE B 132 -0.81 -5.50 -12.79
CA ILE B 132 -0.06 -4.34 -12.36
C ILE B 132 1.23 -4.26 -13.16
N VAL B 133 1.49 -3.10 -13.74
CA VAL B 133 2.69 -2.86 -14.52
C VAL B 133 3.61 -1.97 -13.70
N ARG B 134 4.86 -2.40 -13.52
CA ARG B 134 5.82 -1.66 -12.73
C ARG B 134 7.07 -1.27 -13.51
N GLU B 135 7.57 -0.06 -13.24
CA GLU B 135 8.76 0.45 -13.89
C GLU B 135 9.97 -0.18 -13.22
N LEU B 136 10.69 -1.02 -13.95
CA LEU B 136 11.85 -1.71 -13.41
C LEU B 136 13.18 -0.99 -13.43
N THR B 137 13.39 -0.13 -14.42
CA THR B 137 14.66 0.57 -14.56
C THR B 137 14.99 1.72 -13.60
N GLY B 138 14.34 2.86 -13.79
CA GLY B 138 14.61 4.00 -12.93
C GLY B 138 13.80 4.07 -11.66
N GLY B 139 13.79 5.25 -11.04
CA GLY B 139 13.03 5.44 -9.83
C GLY B 139 13.86 5.90 -8.65
N LEU B 140 13.22 6.02 -7.50
CA LEU B 140 13.90 6.44 -6.28
C LEU B 140 14.96 5.43 -5.89
N TYR B 141 14.85 4.22 -6.43
CA TYR B 141 15.78 3.14 -6.10
C TYR B 141 17.19 3.26 -6.68
N PHE B 142 17.28 3.60 -7.95
CA PHE B 142 18.57 3.72 -8.64
C PHE B 142 19.06 5.15 -8.72
N GLY B 143 18.21 6.09 -8.35
CA GLY B 143 18.58 7.49 -8.41
C GLY B 143 19.64 7.91 -7.41
N ARG B 144 20.64 8.60 -7.91
CA ARG B 144 21.74 9.11 -7.11
C ARG B 144 21.47 10.61 -7.05
N PRO B 145 21.93 11.30 -5.98
CA PRO B 145 22.69 10.84 -4.82
C PRO B 145 21.89 10.15 -3.73
N SER B 146 22.55 9.22 -3.08
CA SER B 146 21.97 8.47 -1.97
C SER B 146 23.15 8.49 -1.02
N GLU B 147 23.09 9.33 0.01
CA GLU B 147 24.20 9.43 0.95
C GLU B 147 23.87 10.22 2.18
N ARG B 148 24.84 10.27 3.08
CA ARG B 148 24.75 11.02 4.32
C ARG B 148 25.80 12.14 4.26
N ARG B 149 25.59 13.18 5.06
CA ARG B 149 26.47 14.33 5.13
C ARG B 149 26.35 14.87 6.55
N GLY B 150 26.88 16.06 6.80
CA GLY B 150 26.76 16.61 8.15
C GLY B 150 27.76 17.70 8.53
N PRO B 151 28.95 17.32 9.02
CA PRO B 151 29.43 15.95 9.22
C PRO B 151 28.71 15.28 10.40
N GLY B 152 29.22 14.14 10.82
CA GLY B 152 28.60 13.41 11.91
C GLY B 152 27.32 12.78 11.41
N GLU B 153 27.22 12.65 10.09
CA GLU B 153 26.06 12.05 9.44
C GLU B 153 24.76 12.67 9.95
N ASN B 154 24.69 13.99 9.88
CA ASN B 154 23.51 14.69 10.37
C ASN B 154 22.42 14.82 9.31
N GLU B 155 22.77 14.56 8.06
CA GLU B 155 21.81 14.71 6.97
C GLU B 155 21.93 13.57 5.97
N VAL B 156 20.79 13.04 5.53
CA VAL B 156 20.75 11.95 4.57
C VAL B 156 19.77 12.23 3.44
N VAL B 157 20.08 11.75 2.24
CA VAL B 157 19.22 11.96 1.10
C VAL B 157 19.22 10.80 0.13
N ASP B 158 18.12 10.68 -0.60
CA ASP B 158 17.90 9.65 -1.63
C ASP B 158 17.30 10.41 -2.81
N THR B 159 17.51 9.93 -4.03
CA THR B 159 17.00 10.64 -5.19
C THR B 159 16.11 9.89 -6.16
N LEU B 160 14.93 10.46 -6.40
CA LEU B 160 13.97 9.88 -7.32
C LEU B 160 14.29 10.51 -8.67
N ALA B 161 14.92 9.75 -9.55
CA ALA B 161 15.32 10.26 -10.87
C ALA B 161 14.81 9.48 -12.08
N TYR B 162 14.01 10.15 -12.92
CA TYR B 162 13.44 9.54 -14.13
C TYR B 162 13.68 10.37 -15.37
N THR B 163 13.92 9.71 -16.50
CA THR B 163 14.12 10.41 -17.75
C THR B 163 12.78 10.33 -18.45
N ARG B 164 12.47 11.34 -19.26
CA ARG B 164 11.21 11.38 -19.98
C ARG B 164 11.00 10.07 -20.74
N GLU B 165 12.07 9.53 -21.31
CA GLU B 165 11.98 8.27 -22.05
C GLU B 165 11.57 7.09 -21.19
N GLU B 166 12.22 6.92 -20.04
CA GLU B 166 11.91 5.84 -19.11
C GLU B 166 10.43 5.80 -18.77
N ILE B 167 9.82 6.99 -18.70
CA ILE B 167 8.41 7.12 -18.40
C ILE B 167 7.56 6.87 -19.65
N GLU B 168 8.06 7.29 -20.80
CA GLU B 168 7.33 7.11 -22.06
C GLU B 168 7.18 5.64 -22.41
N ARG B 169 8.31 4.93 -22.50
CA ARG B 169 8.28 3.51 -22.88
C ARG B 169 7.33 2.65 -22.05
N ILE B 170 7.31 2.87 -20.74
CA ILE B 170 6.44 2.08 -19.89
C ILE B 170 4.97 2.43 -20.11
N ILE B 171 4.64 3.72 -20.08
CA ILE B 171 3.24 4.11 -20.26
C ILE B 171 2.74 3.65 -21.63
N GLU B 172 3.65 3.48 -22.57
CA GLU B 172 3.26 3.01 -23.90
C GLU B 172 2.83 1.56 -23.79
N LYS B 173 3.71 0.71 -23.26
CA LYS B 173 3.43 -0.72 -23.11
C LYS B 173 2.15 -0.91 -22.30
N ALA B 174 1.97 -0.08 -21.28
CA ALA B 174 0.78 -0.17 -20.46
C ALA B 174 -0.46 -0.04 -21.35
N PHE B 175 -0.48 0.99 -22.19
CA PHE B 175 -1.60 1.23 -23.10
C PHE B 175 -1.85 0.06 -24.00
N GLN B 176 -0.78 -0.43 -24.63
CA GLN B 176 -0.87 -1.56 -25.54
C GLN B 176 -1.43 -2.79 -24.84
N LEU B 177 -1.15 -2.93 -23.56
CA LEU B 177 -1.66 -4.06 -22.78
C LEU B 177 -3.14 -3.90 -22.54
N ALA B 178 -3.53 -2.78 -21.94
CA ALA B 178 -4.93 -2.50 -21.66
C ALA B 178 -5.76 -2.63 -22.92
N GLN B 179 -5.12 -2.38 -24.05
CA GLN B 179 -5.79 -2.45 -25.34
C GLN B 179 -6.20 -3.88 -25.70
N ILE B 180 -5.41 -4.86 -25.30
CA ILE B 180 -5.73 -6.27 -25.60
C ILE B 180 -6.52 -6.92 -24.46
N ARG B 181 -6.83 -6.12 -23.44
CA ARG B 181 -7.59 -6.60 -22.30
C ARG B 181 -8.94 -5.86 -22.30
N ARG B 182 -9.36 -5.31 -21.16
CA ARG B 182 -10.64 -4.62 -21.10
C ARG B 182 -10.58 -3.13 -21.46
N LYS B 183 -9.47 -2.74 -22.08
CA LYS B 183 -9.25 -1.37 -22.48
C LYS B 183 -9.56 -0.33 -21.41
N LYS B 184 -8.90 -0.46 -20.26
CA LYS B 184 -9.07 0.45 -19.14
C LYS B 184 -7.72 0.55 -18.44
N LEU B 185 -7.18 1.76 -18.34
CA LEU B 185 -5.89 1.95 -17.72
C LEU B 185 -5.92 2.96 -16.59
N ALA B 186 -5.25 2.63 -15.49
CA ALA B 186 -5.18 3.49 -14.33
C ALA B 186 -3.74 3.91 -14.08
N SER B 187 -3.43 5.17 -14.37
CA SER B 187 -2.10 5.70 -14.15
C SER B 187 -2.09 6.13 -12.69
N VAL B 188 -1.32 5.42 -11.87
CA VAL B 188 -1.23 5.75 -10.47
C VAL B 188 0.05 6.52 -10.23
N ASP B 189 -0.05 7.63 -9.48
CA ASP B 189 1.10 8.47 -9.18
C ASP B 189 0.82 9.29 -7.92
N LYS B 190 1.68 10.27 -7.65
CA LYS B 190 1.51 11.14 -6.50
C LYS B 190 1.68 12.56 -7.03
N ALA B 191 1.02 12.82 -8.16
CA ALA B 191 1.07 14.10 -8.88
C ALA B 191 0.77 15.33 -8.05
N ASN B 192 0.11 15.13 -6.93
CA ASN B 192 -0.21 16.24 -6.05
C ASN B 192 1.03 16.77 -5.31
N VAL B 193 2.11 15.98 -5.28
CA VAL B 193 3.34 16.37 -4.59
C VAL B 193 4.61 16.21 -5.43
N LEU B 194 4.87 14.99 -5.91
CA LEU B 194 6.08 14.74 -6.69
C LEU B 194 6.06 15.42 -8.05
N GLU B 195 7.20 15.99 -8.43
CA GLU B 195 7.33 16.65 -9.73
C GLU B 195 7.44 15.55 -10.78
N SER B 196 8.12 14.47 -10.42
CA SER B 196 8.31 13.32 -11.30
C SER B 196 6.93 12.81 -11.68
N SER B 197 6.05 12.84 -10.68
CA SER B 197 4.67 12.40 -10.87
C SER B 197 3.99 13.32 -11.89
N ARG B 198 4.15 14.62 -11.72
CA ARG B 198 3.56 15.57 -12.65
C ARG B 198 4.02 15.28 -14.08
N MET B 199 5.29 14.96 -14.26
CA MET B 199 5.81 14.65 -15.59
C MET B 199 5.14 13.38 -16.09
N TRP B 200 5.01 12.40 -15.19
CA TRP B 200 4.39 11.13 -15.50
C TRP B 200 2.95 11.37 -15.99
N ARG B 201 2.16 12.06 -15.18
CA ARG B 201 0.76 12.33 -15.53
C ARG B 201 0.62 13.02 -16.87
N GLU B 202 1.52 13.95 -17.16
CA GLU B 202 1.49 14.66 -18.43
C GLU B 202 1.65 13.66 -19.56
N ILE B 203 2.72 12.87 -19.49
CA ILE B 203 3.02 11.88 -20.49
C ILE B 203 1.90 10.85 -20.64
N ALA B 204 1.24 10.52 -19.53
CA ALA B 204 0.13 9.58 -19.57
C ALA B 204 -0.91 10.18 -20.48
N GLU B 205 -1.25 11.44 -20.22
CA GLU B 205 -2.24 12.18 -21.00
C GLU B 205 -1.87 12.25 -22.49
N GLU B 206 -0.60 12.52 -22.77
CA GLU B 206 -0.11 12.62 -24.14
C GLU B 206 -0.27 11.30 -24.89
N THR B 207 0.30 10.23 -24.34
CA THR B 207 0.22 8.91 -24.94
C THR B 207 -1.23 8.47 -25.16
N ALA B 208 -2.13 8.97 -24.31
CA ALA B 208 -3.54 8.64 -24.40
C ALA B 208 -4.14 8.96 -25.76
N LYS B 209 -3.78 10.12 -26.30
CA LYS B 209 -4.29 10.55 -27.59
C LYS B 209 -4.01 9.50 -28.67
N LYS B 210 -2.89 8.78 -28.50
CA LYS B 210 -2.47 7.75 -29.43
C LYS B 210 -3.31 6.47 -29.29
N TYR B 211 -3.90 6.27 -28.12
CA TYR B 211 -4.73 5.10 -27.86
C TYR B 211 -6.08 5.58 -27.35
N PRO B 212 -6.89 6.18 -28.25
CA PRO B 212 -8.22 6.71 -27.94
C PRO B 212 -9.26 5.69 -27.46
N ASP B 213 -9.00 4.41 -27.70
CA ASP B 213 -9.92 3.36 -27.28
C ASP B 213 -9.74 2.97 -25.81
N VAL B 214 -8.57 3.29 -25.26
CA VAL B 214 -8.26 2.97 -23.88
C VAL B 214 -8.64 4.13 -22.96
N GLU B 215 -9.43 3.82 -21.94
CA GLU B 215 -9.87 4.82 -20.98
C GLU B 215 -8.79 5.10 -19.94
N LEU B 216 -8.20 6.28 -19.99
CA LEU B 216 -7.17 6.64 -19.03
C LEU B 216 -7.79 7.30 -17.83
N SER B 217 -7.40 6.82 -16.66
CA SER B 217 -7.89 7.33 -15.39
C SER B 217 -6.64 7.59 -14.56
N HIS B 218 -6.68 8.61 -13.71
CA HIS B 218 -5.54 8.96 -12.89
C HIS B 218 -5.86 8.77 -11.41
N MET B 219 -5.00 8.06 -10.70
CA MET B 219 -5.19 7.83 -9.28
C MET B 219 -3.91 8.06 -8.51
N LEU B 220 -4.05 8.55 -7.30
CA LEU B 220 -2.91 8.80 -6.44
C LEU B 220 -2.61 7.50 -5.72
N VAL B 221 -1.33 7.13 -5.66
CA VAL B 221 -0.88 5.89 -5.01
C VAL B 221 -1.66 5.57 -3.73
N ASP B 222 -1.78 6.54 -2.83
CA ASP B 222 -2.49 6.31 -1.59
C ASP B 222 -3.97 5.92 -1.73
N SER B 223 -4.65 6.42 -2.76
CA SER B 223 -6.06 6.09 -2.97
C SER B 223 -6.13 4.65 -3.47
N THR B 224 -5.28 4.34 -4.44
CA THR B 224 -5.22 3.02 -5.03
C THR B 224 -5.03 1.97 -3.93
N SER B 225 -4.29 2.36 -2.90
CA SER B 225 -4.03 1.49 -1.77
C SER B 225 -5.36 1.05 -1.17
N MET B 226 -6.22 2.01 -0.84
CA MET B 226 -7.52 1.69 -0.26
C MET B 226 -8.36 0.94 -1.28
N GLN B 227 -8.33 1.40 -2.53
CA GLN B 227 -9.12 0.79 -3.59
C GLN B 227 -8.77 -0.66 -3.89
N LEU B 228 -7.52 -1.04 -3.70
CA LEU B 228 -7.13 -2.42 -3.94
C LEU B 228 -7.73 -3.32 -2.87
N ILE B 229 -8.19 -2.73 -1.76
CA ILE B 229 -8.81 -3.48 -0.69
C ILE B 229 -10.33 -3.44 -0.76
N ALA B 230 -10.88 -2.24 -0.91
CA ALA B 230 -12.33 -2.08 -0.94
C ALA B 230 -13.00 -2.12 -2.31
N ASN B 231 -12.23 -2.27 -3.39
CA ASN B 231 -12.85 -2.32 -4.72
C ASN B 231 -11.85 -2.71 -5.80
N PRO B 232 -11.07 -3.77 -5.57
CA PRO B 232 -10.09 -4.19 -6.58
C PRO B 232 -10.71 -4.63 -7.90
N GLY B 233 -12.03 -4.84 -7.89
CA GLY B 233 -12.68 -5.28 -9.10
C GLY B 233 -12.71 -4.26 -10.22
N GLN B 234 -12.55 -2.98 -9.87
CA GLN B 234 -12.58 -1.90 -10.86
C GLN B 234 -11.38 -1.87 -11.79
N PHE B 235 -10.22 -2.27 -11.29
CA PHE B 235 -9.00 -2.24 -12.06
C PHE B 235 -8.85 -3.27 -13.16
N ASP B 236 -8.36 -2.81 -14.30
CA ASP B 236 -8.10 -3.67 -15.44
C ASP B 236 -6.58 -3.68 -15.50
N VAL B 237 -5.99 -2.59 -15.98
CA VAL B 237 -4.54 -2.46 -16.05
C VAL B 237 -4.13 -1.23 -15.24
N ILE B 238 -3.08 -1.38 -14.45
CA ILE B 238 -2.55 -0.32 -13.59
C ILE B 238 -1.10 -0.10 -13.93
N VAL B 239 -0.73 1.11 -14.31
CA VAL B 239 0.66 1.39 -14.61
C VAL B 239 1.20 2.28 -13.51
N THR B 240 2.45 2.07 -13.14
CA THR B 240 3.04 2.83 -12.06
C THR B 240 4.57 2.74 -11.99
N GLU B 241 5.18 3.68 -11.27
CA GLU B 241 6.63 3.72 -11.13
C GLU B 241 7.23 2.54 -10.34
N ASN B 242 8.55 2.58 -10.17
CA ASN B 242 9.27 1.54 -9.46
C ASN B 242 8.87 1.38 -7.99
N MET B 243 9.21 2.36 -7.15
CA MET B 243 8.91 2.33 -5.71
C MET B 243 7.44 2.06 -5.37
N PHE B 244 6.53 2.79 -6.00
CA PHE B 244 5.11 2.61 -5.74
C PHE B 244 4.65 1.25 -6.24
N GLY B 245 5.12 0.87 -7.42
CA GLY B 245 4.77 -0.42 -8.01
C GLY B 245 5.14 -1.56 -7.10
N ASP B 246 6.37 -1.53 -6.60
CA ASP B 246 6.88 -2.55 -5.69
C ASP B 246 5.86 -2.78 -4.59
N ILE B 247 5.42 -1.70 -3.96
CA ILE B 247 4.44 -1.80 -2.88
C ILE B 247 3.10 -2.38 -3.32
N LEU B 248 2.45 -1.70 -4.26
CA LEU B 248 1.15 -2.14 -4.73
C LEU B 248 1.14 -3.60 -5.17
N SER B 249 2.18 -4.01 -5.89
CA SER B 249 2.30 -5.38 -6.37
C SER B 249 2.09 -6.36 -5.23
N ASP B 250 2.84 -6.16 -4.15
CA ASP B 250 2.72 -7.03 -2.99
C ASP B 250 1.35 -6.96 -2.35
N GLU B 251 0.79 -5.75 -2.24
CA GLU B 251 -0.53 -5.63 -1.66
C GLU B 251 -1.54 -6.50 -2.44
N ALA B 252 -1.60 -6.29 -3.75
CA ALA B 252 -2.53 -7.03 -4.60
C ALA B 252 -2.38 -8.54 -4.56
N SER B 253 -1.19 -9.03 -4.20
CA SER B 253 -0.94 -10.46 -4.14
C SER B 253 -1.87 -11.22 -3.21
N VAL B 254 -1.98 -10.74 -1.99
CA VAL B 254 -2.81 -11.41 -0.99
C VAL B 254 -4.32 -11.37 -1.23
N ILE B 255 -4.84 -10.35 -1.89
CA ILE B 255 -6.28 -10.23 -2.07
C ILE B 255 -7.07 -11.42 -2.59
N THR B 256 -6.56 -12.15 -3.57
CA THR B 256 -7.32 -13.28 -4.13
C THR B 256 -7.12 -14.63 -3.43
N GLY B 257 -5.98 -14.79 -2.76
CA GLY B 257 -5.69 -16.05 -2.11
C GLY B 257 -4.97 -16.96 -3.10
N SER B 258 -4.69 -16.43 -4.28
CA SER B 258 -4.01 -17.17 -5.34
C SER B 258 -2.49 -17.08 -5.26
N LEU B 259 -1.98 -16.47 -4.20
CA LEU B 259 -0.54 -16.37 -4.06
C LEU B 259 -0.01 -17.79 -4.01
N GLY B 260 1.04 -18.06 -4.77
CA GLY B 260 1.58 -19.40 -4.79
C GLY B 260 1.42 -19.93 -6.19
N MET B 261 0.44 -19.39 -6.90
CA MET B 261 0.21 -19.79 -8.26
C MET B 261 0.15 -18.52 -9.10
N LEU B 262 0.91 -17.52 -8.65
CA LEU B 262 0.95 -16.24 -9.35
C LEU B 262 2.10 -16.22 -10.33
N PRO B 263 1.81 -15.85 -11.58
CA PRO B 263 2.80 -15.75 -12.65
C PRO B 263 3.24 -14.30 -12.78
N SER B 264 4.26 -14.06 -13.59
CA SER B 264 4.76 -12.71 -13.82
C SER B 264 5.44 -12.66 -15.16
N ALA B 265 5.67 -11.46 -15.66
CA ALA B 265 6.32 -11.27 -16.93
C ALA B 265 7.15 -9.99 -16.83
N SER B 266 8.26 -9.98 -17.52
CA SER B 266 9.11 -8.81 -17.53
C SER B 266 9.32 -8.53 -19.01
N LEU B 267 8.51 -7.61 -19.52
CA LEU B 267 8.53 -7.26 -20.94
C LEU B 267 9.35 -6.02 -21.23
N ARG B 268 9.46 -5.71 -22.52
CA ARG B 268 10.17 -4.52 -22.93
C ARG B 268 9.37 -3.87 -24.05
N SER B 269 10.02 -3.10 -24.92
CA SER B 269 9.32 -2.41 -25.99
C SER B 269 8.64 -3.31 -27.03
N ASP B 270 9.34 -4.36 -27.45
CA ASP B 270 8.81 -5.29 -28.45
C ASP B 270 8.18 -6.57 -27.87
N ARG B 271 7.94 -7.54 -28.75
CA ARG B 271 7.33 -8.82 -28.38
C ARG B 271 8.20 -9.83 -27.64
N PHE B 272 9.28 -9.36 -27.02
CA PHE B 272 10.16 -10.26 -26.29
C PHE B 272 9.85 -10.09 -24.81
N GLY B 273 10.10 -11.14 -24.04
CA GLY B 273 9.84 -11.08 -22.62
C GLY B 273 10.33 -12.31 -21.90
N MET B 274 10.49 -12.17 -20.59
CA MET B 274 10.92 -13.26 -19.74
C MET B 274 9.76 -13.53 -18.80
N TYR B 275 9.28 -14.77 -18.82
CA TYR B 275 8.16 -15.15 -17.98
C TYR B 275 8.60 -16.19 -16.96
N GLU B 276 8.21 -15.99 -15.72
CA GLU B 276 8.57 -16.91 -14.66
C GLU B 276 7.55 -16.81 -13.55
N PRO B 277 7.46 -17.85 -12.71
CA PRO B 277 6.51 -17.85 -11.61
C PRO B 277 7.05 -16.96 -10.48
N VAL B 278 6.15 -16.38 -9.70
CA VAL B 278 6.53 -15.52 -8.59
C VAL B 278 7.22 -16.35 -7.49
N HIS B 279 6.68 -17.52 -7.21
CA HIS B 279 7.24 -18.38 -6.16
C HIS B 279 8.74 -18.65 -6.30
N GLY B 280 9.36 -18.99 -5.18
CA GLY B 280 10.78 -19.29 -5.18
C GLY B 280 11.07 -20.71 -5.61
N SER B 281 12.28 -21.18 -5.32
CA SER B 281 12.67 -22.53 -5.68
C SER B 281 12.21 -23.57 -4.66
N ALA B 282 12.07 -23.15 -3.41
CA ALA B 282 11.65 -24.03 -2.32
C ALA B 282 12.36 -25.39 -2.37
N PRO B 283 13.69 -25.38 -2.19
CA PRO B 283 14.54 -26.58 -2.23
C PRO B 283 14.15 -27.71 -1.27
N ASP B 284 13.32 -27.39 -0.29
CA ASP B 284 12.89 -28.37 0.68
C ASP B 284 11.96 -29.40 0.03
N ILE B 285 11.08 -28.92 -0.84
CA ILE B 285 10.11 -29.77 -1.53
C ILE B 285 10.70 -30.39 -2.80
N ALA B 286 11.98 -30.12 -3.04
CA ALA B 286 12.67 -30.63 -4.22
C ALA B 286 12.56 -32.14 -4.34
N GLY B 287 12.08 -32.60 -5.50
CA GLY B 287 11.95 -34.02 -5.75
C GLY B 287 10.71 -34.71 -5.18
N GLN B 288 10.26 -34.25 -4.02
CA GLN B 288 9.09 -34.84 -3.34
C GLN B 288 7.77 -34.84 -4.13
N GLY B 289 7.76 -34.20 -5.29
CA GLY B 289 6.55 -34.17 -6.11
C GLY B 289 5.41 -33.31 -5.60
N LYS B 290 5.69 -32.37 -4.71
CA LYS B 290 4.64 -31.48 -4.19
C LYS B 290 4.72 -30.11 -4.86
N ALA B 291 5.74 -29.93 -5.70
CA ALA B 291 5.94 -28.67 -6.41
C ALA B 291 4.67 -28.29 -7.18
N ASN B 292 4.20 -27.06 -6.96
CA ASN B 292 3.00 -26.57 -7.63
C ASN B 292 3.35 -25.93 -8.98
N PRO B 293 3.01 -26.61 -10.08
CA PRO B 293 3.27 -26.16 -11.46
C PRO B 293 2.30 -25.11 -12.01
N LEU B 294 1.21 -24.83 -11.31
CA LEU B 294 0.22 -23.87 -11.79
C LEU B 294 0.77 -22.50 -12.14
N GLY B 295 1.63 -21.97 -11.27
CA GLY B 295 2.23 -20.66 -11.52
C GLY B 295 2.97 -20.63 -12.84
N THR B 296 3.93 -21.54 -12.97
CA THR B 296 4.75 -21.63 -14.17
C THR B 296 3.93 -21.85 -15.44
N VAL B 297 2.86 -22.64 -15.31
CA VAL B 297 2.00 -22.92 -16.45
C VAL B 297 1.32 -21.62 -16.87
N LEU B 298 0.76 -20.91 -15.89
CA LEU B 298 0.11 -19.63 -16.17
C LEU B 298 1.12 -18.65 -16.76
N SER B 299 2.40 -18.84 -16.44
CA SER B 299 3.45 -17.99 -16.98
C SER B 299 3.51 -18.29 -18.48
N ALA B 300 3.61 -19.57 -18.82
CA ALA B 300 3.66 -19.99 -20.23
C ALA B 300 2.45 -19.40 -20.96
N ALA B 301 1.34 -19.27 -20.25
CA ALA B 301 0.13 -18.69 -20.83
C ALA B 301 0.38 -17.23 -21.19
N LEU B 302 0.95 -16.47 -20.26
CA LEU B 302 1.26 -15.05 -20.47
C LEU B 302 2.19 -14.91 -21.66
N MET B 303 3.18 -15.80 -21.74
CA MET B 303 4.14 -15.80 -22.83
C MET B 303 3.41 -15.82 -24.16
N LEU B 304 2.63 -16.87 -24.40
CA LEU B 304 1.86 -17.02 -25.64
C LEU B 304 1.09 -15.77 -26.02
N ARG B 305 0.49 -15.12 -25.03
CA ARG B 305 -0.30 -13.93 -25.28
C ARG B 305 0.53 -12.69 -25.58
N TYR B 306 1.37 -12.31 -24.62
CA TYR B 306 2.18 -11.11 -24.76
C TYR B 306 3.35 -11.14 -25.73
N SER B 307 3.93 -12.32 -25.97
CA SER B 307 5.05 -12.42 -26.89
C SER B 307 4.74 -13.04 -28.25
N PHE B 308 3.53 -13.61 -28.41
CA PHE B 308 3.18 -14.24 -29.68
C PHE B 308 1.77 -13.96 -30.16
N GLY B 309 1.00 -13.23 -29.36
CA GLY B 309 -0.37 -12.92 -29.72
C GLY B 309 -1.26 -14.14 -29.85
N LEU B 310 -0.84 -15.26 -29.27
CA LEU B 310 -1.61 -16.50 -29.31
C LEU B 310 -2.65 -16.54 -28.20
N GLU B 311 -3.64 -15.65 -28.31
CA GLU B 311 -4.72 -15.55 -27.34
C GLU B 311 -5.45 -16.88 -27.16
N LYS B 312 -6.01 -17.39 -28.24
CA LYS B 312 -6.74 -18.66 -28.21
C LYS B 312 -5.96 -19.72 -27.45
N GLU B 313 -4.70 -19.88 -27.83
CA GLU B 313 -3.82 -20.85 -27.20
C GLU B 313 -3.66 -20.56 -25.72
N ALA B 314 -3.46 -19.29 -25.39
CA ALA B 314 -3.28 -18.86 -24.01
C ALA B 314 -4.49 -19.15 -23.14
N ALA B 315 -5.68 -18.83 -23.66
CA ALA B 315 -6.93 -19.04 -22.94
C ALA B 315 -7.16 -20.51 -22.60
N ALA B 316 -6.63 -21.40 -23.44
CA ALA B 316 -6.78 -22.84 -23.23
C ALA B 316 -6.18 -23.23 -21.89
N ILE B 317 -4.94 -22.79 -21.68
CA ILE B 317 -4.23 -23.07 -20.45
C ILE B 317 -4.92 -22.46 -19.27
N GLU B 318 -5.35 -21.22 -19.44
CA GLU B 318 -6.03 -20.50 -18.36
C GLU B 318 -7.28 -21.23 -17.91
N LYS B 319 -8.02 -21.76 -18.88
CA LYS B 319 -9.25 -22.49 -18.61
C LYS B 319 -8.90 -23.78 -17.87
N ALA B 320 -7.98 -24.55 -18.44
CA ALA B 320 -7.56 -25.81 -17.83
C ALA B 320 -7.29 -25.56 -16.34
N VAL B 321 -6.40 -24.62 -16.06
CA VAL B 321 -6.05 -24.28 -14.70
C VAL B 321 -7.31 -24.02 -13.87
N ASP B 322 -8.19 -23.17 -14.39
CA ASP B 322 -9.42 -22.83 -13.70
C ASP B 322 -10.27 -24.07 -13.40
N ASP B 323 -10.55 -24.85 -14.43
CA ASP B 323 -11.36 -26.05 -14.28
C ASP B 323 -10.80 -27.02 -13.27
N VAL B 324 -9.51 -27.35 -13.40
CA VAL B 324 -8.90 -28.27 -12.46
C VAL B 324 -9.07 -27.80 -11.01
N LEU B 325 -8.91 -26.49 -10.79
CA LEU B 325 -9.08 -25.93 -9.45
C LEU B 325 -10.56 -25.98 -9.11
N GLN B 326 -11.39 -25.81 -10.12
CA GLN B 326 -12.84 -25.86 -9.94
C GLN B 326 -13.18 -27.28 -9.47
N ASP B 327 -12.41 -28.26 -9.93
CA ASP B 327 -12.63 -29.65 -9.54
C ASP B 327 -12.01 -29.93 -8.17
N GLY B 328 -11.28 -28.96 -7.64
CA GLY B 328 -10.68 -29.11 -6.32
C GLY B 328 -9.29 -29.68 -6.22
N TYR B 329 -8.59 -29.83 -7.34
CA TYR B 329 -7.24 -30.38 -7.31
C TYR B 329 -6.15 -29.36 -7.06
N CYS B 330 -5.13 -29.77 -6.33
CA CYS B 330 -4.00 -28.92 -5.99
C CYS B 330 -2.87 -29.82 -5.51
N THR B 331 -1.66 -29.26 -5.41
CA THR B 331 -0.51 -30.03 -4.98
C THR B 331 -0.31 -30.03 -3.46
N GLY B 332 -1.23 -29.37 -2.74
CA GLY B 332 -1.12 -29.34 -1.30
C GLY B 332 -1.06 -27.97 -0.66
N ASP B 333 -0.38 -27.03 -1.30
CA ASP B 333 -0.25 -25.67 -0.76
C ASP B 333 -1.52 -24.81 -0.85
N LEU B 334 -2.15 -24.78 -2.02
CA LEU B 334 -3.37 -23.98 -2.19
C LEU B 334 -4.50 -24.54 -1.33
N GLN B 335 -5.33 -23.66 -0.79
CA GLN B 335 -6.45 -24.11 0.03
C GLN B 335 -7.71 -24.16 -0.79
N VAL B 336 -7.77 -25.10 -1.73
CA VAL B 336 -8.92 -25.23 -2.62
C VAL B 336 -10.13 -25.82 -1.87
N ALA B 337 -11.30 -25.31 -2.21
CA ALA B 337 -12.59 -25.68 -1.63
C ALA B 337 -12.70 -27.06 -0.99
N ASN B 338 -12.84 -28.09 -1.82
CA ASN B 338 -12.97 -29.46 -1.34
C ASN B 338 -11.70 -30.23 -1.69
N GLY B 339 -10.69 -30.03 -0.86
CA GLY B 339 -9.38 -30.62 -1.04
C GLY B 339 -9.19 -31.98 -1.67
N LYS B 340 -8.70 -31.97 -2.92
CA LYS B 340 -8.39 -33.18 -3.66
C LYS B 340 -6.91 -33.04 -3.98
N VAL B 341 -6.07 -33.53 -3.09
CA VAL B 341 -4.62 -33.47 -3.22
C VAL B 341 -4.03 -34.52 -4.15
N VAL B 342 -3.20 -34.05 -5.09
CA VAL B 342 -2.53 -34.92 -6.03
C VAL B 342 -1.06 -34.49 -6.05
N SER B 343 -0.30 -34.99 -7.02
CA SER B 343 1.10 -34.63 -7.09
C SER B 343 1.31 -33.66 -8.23
N THR B 344 2.54 -33.19 -8.35
CA THR B 344 2.94 -32.28 -9.40
C THR B 344 2.54 -32.91 -10.73
N ILE B 345 2.97 -34.14 -10.93
CA ILE B 345 2.71 -34.89 -12.16
C ILE B 345 1.22 -35.04 -12.49
N GLU B 346 0.42 -35.45 -11.51
CA GLU B 346 -1.00 -35.64 -11.75
C GLU B 346 -1.74 -34.37 -12.09
N LEU B 347 -1.58 -33.34 -11.27
CA LEU B 347 -2.23 -32.07 -11.54
C LEU B 347 -1.94 -31.63 -12.97
N THR B 348 -0.74 -31.98 -13.45
CA THR B 348 -0.32 -31.67 -14.80
C THR B 348 -1.14 -32.53 -15.76
N ASP B 349 -1.14 -33.83 -15.50
CA ASP B 349 -1.89 -34.78 -16.32
C ASP B 349 -3.34 -34.32 -16.44
N ARG B 350 -3.87 -33.77 -15.35
CA ARG B 350 -5.23 -33.27 -15.32
C ARG B 350 -5.39 -32.11 -16.31
N LEU B 351 -4.48 -31.15 -16.23
CA LEU B 351 -4.49 -29.98 -17.11
C LEU B 351 -4.53 -30.39 -18.57
N ILE B 352 -3.74 -31.39 -18.91
CA ILE B 352 -3.67 -31.89 -20.28
C ILE B 352 -5.01 -32.50 -20.66
N GLU B 353 -5.55 -33.32 -19.76
CA GLU B 353 -6.81 -33.99 -19.99
C GLU B 353 -7.86 -32.94 -20.35
N LYS B 354 -7.98 -31.91 -19.53
CA LYS B 354 -8.93 -30.84 -19.77
C LYS B 354 -8.70 -30.16 -21.12
N LEU B 355 -7.46 -30.22 -21.60
CA LEU B 355 -7.12 -29.60 -22.88
C LEU B 355 -7.63 -30.41 -24.06
N ASN B 356 -7.58 -31.73 -23.93
CA ASN B 356 -8.07 -32.61 -24.99
C ASN B 356 -9.50 -33.00 -24.68
N ASN B 357 -10.31 -32.00 -24.36
CA ASN B 357 -11.72 -32.19 -24.02
C ASN B 357 -12.53 -31.31 -24.96
#